data_2CXP
#
_entry.id   2CXP
#
_cell.length_a   69.924
_cell.length_b   115.756
_cell.length_c   73.426
_cell.angle_alpha   90.00
_cell.angle_beta   101.86
_cell.angle_gamma   90.00
#
_symmetry.space_group_name_H-M   'P 1 21 1'
#
loop_
_entity.id
_entity.type
_entity.pdbx_description
1 polymer 'Glucose-6-phosphate isomerase'
2 non-polymer ARABINOSE-5-PHOSPHATE
3 non-polymer GLYCEROL
4 water water
#
_entity_poly.entity_id   1
_entity_poly.type   'polypeptide(L)'
_entity_poly.pdbx_seq_one_letter_code
;MAALTRNPQFQKLLEWHRANSANLKLRELFEADPERFNNFSLNLNTNHGHILVDYSKNLVSKEVMQMLVELAKSRGVEAA
RDNMFSGSKINYTEDRAVLHVALRNRSNTPIKVDGKDVMPEVNRVLDKMKSFCQRVRSGDWKGYTGKSITDIINIGIGGS
DLGPLMVTEALKPYSKGGPRVWFVSNIDGTHIAKTLASLSPETSLFIIASKTFTTQETITNAETAKEWFLEAAKDPSAVA
KHFVALSTNTAKVKEFGIDPQNMFEFWDWVGGRYSLWSAIGLSIALHVGFDHFEQLLSGAHWMDQHFLKTPLEKNAPVLL
ALLGIWYINCYGCETHALLPYDQYMHRFAAYFQQGDMESNGKYITKSGARVDHQTGPIVWGEPGTNGQHAFYQLIHQGTK
MIPCDFLIPVQTQHPIRKGLHHKILLANFLAQTEALMKGKLPEEARKELQAAGKSPEDLEKLLPHKVFEGNRPTNSIVFT
KLTPFILGALIAMYEHKIFVQGIMWDINSFDQWGVELGKQLAKKIEPELEGSSAVTSHDSSTNGLISFIKQQRDTKL
;
_entity_poly.pdbx_strand_id   A,B
#
loop_
_chem_comp.id
_chem_comp.type
_chem_comp.name
_chem_comp.formula
A5P non-polymer ARABINOSE-5-PHOSPHATE 'C5 H13 O8 P'
GOL non-polymer GLYCEROL 'C3 H8 O3'
#
# COMPACT_ATOMS: atom_id res chain seq x y z
N MET A 1 10.64 23.88 24.39
CA MET A 1 10.47 22.54 23.77
C MET A 1 9.00 22.07 23.89
N ALA A 2 8.79 20.76 23.87
CA ALA A 2 7.45 20.20 23.81
C ALA A 2 7.12 19.38 25.07
N ALA A 3 5.84 19.16 25.32
CA ALA A 3 5.40 18.46 26.53
C ALA A 3 6.06 17.09 26.72
N LEU A 4 6.22 16.32 25.65
CA LEU A 4 6.78 14.98 25.78
C LEU A 4 8.26 15.02 26.17
N THR A 5 9.05 15.84 25.47
CA THR A 5 10.48 15.91 25.72
C THR A 5 10.81 16.57 27.06
N ARG A 6 9.90 17.41 27.55
CA ARG A 6 10.06 18.07 28.85
C ARG A 6 9.73 17.13 30.01
N ASN A 7 8.99 16.07 29.70
CA ASN A 7 8.48 15.13 30.70
C ASN A 7 9.60 14.26 31.29
N PRO A 8 9.76 14.30 32.62
CA PRO A 8 10.83 13.58 33.31
C PRO A 8 10.78 12.06 33.11
N GLN A 9 9.58 11.51 33.03
CA GLN A 9 9.42 10.08 32.81
C GLN A 9 9.87 9.68 31.40
N PHE A 10 9.68 10.59 30.44
CA PHE A 10 10.16 10.34 29.08
C PHE A 10 11.68 10.37 29.02
N GLN A 11 12.29 11.38 29.65
CA GLN A 11 13.74 11.47 29.66
C GLN A 11 14.37 10.25 30.36
N LYS A 12 13.71 9.77 31.42
CA LYS A 12 14.12 8.54 32.11
C LYS A 12 14.10 7.35 31.15
N LEU A 13 12.97 7.21 30.46
CA LEU A 13 12.77 6.17 29.45
C LEU A 13 13.88 6.19 28.39
N LEU A 14 14.12 7.38 27.83
CA LEU A 14 15.13 7.56 26.79
C LEU A 14 16.55 7.27 27.29
N GLU A 15 16.87 7.73 28.50
CA GLU A 15 18.17 7.47 29.09
C GLU A 15 18.37 5.96 29.29
N TRP A 16 17.34 5.28 29.78
CA TRP A 16 17.37 3.83 29.93
C TRP A 16 17.63 3.16 28.59
N HIS A 17 16.93 3.63 27.55
CA HIS A 17 17.12 3.12 26.20
C HIS A 17 18.57 3.26 25.74
N ARG A 18 19.15 4.44 25.94
CA ARG A 18 20.54 4.71 25.59
C ARG A 18 21.48 3.71 26.25
N ALA A 19 21.27 3.47 27.55
CA ALA A 19 22.17 2.68 28.36
C ALA A 19 21.98 1.17 28.25
N ASN A 20 20.75 0.74 27.94
CA ASN A 20 20.36 -0.66 28.08
C ASN A 20 19.78 -1.37 26.86
N SER A 21 19.26 -0.61 25.89
CA SER A 21 18.54 -1.22 24.76
C SER A 21 19.37 -2.22 23.93
N ALA A 22 20.66 -1.94 23.77
CA ALA A 22 21.54 -2.84 23.04
C ALA A 22 21.68 -4.23 23.70
N ASN A 23 21.27 -4.33 24.96
CA ASN A 23 21.35 -5.58 25.71
C ASN A 23 20.07 -6.42 25.67
N LEU A 24 19.05 -5.90 24.97
CA LEU A 24 17.81 -6.63 24.77
C LEU A 24 17.94 -7.52 23.53
N LYS A 25 17.90 -8.83 23.76
CA LYS A 25 18.00 -9.80 22.68
C LYS A 25 16.86 -10.81 22.82
N LEU A 26 15.96 -10.81 21.84
CA LEU A 26 14.71 -11.56 21.93
C LEU A 26 14.91 -13.06 22.17
N ARG A 27 15.82 -13.66 21.42
CA ARG A 27 16.12 -15.08 21.56
C ARG A 27 16.46 -15.42 23.00
N GLU A 28 17.33 -14.59 23.58
CA GLU A 28 17.80 -14.76 24.95
C GLU A 28 16.71 -14.49 25.98
N LEU A 29 15.85 -13.49 25.72
CA LEU A 29 14.74 -13.16 26.61
C LEU A 29 13.77 -14.34 26.73
N PHE A 30 13.48 -14.99 25.61
CA PHE A 30 12.60 -16.15 25.62
C PHE A 30 13.23 -17.39 26.28
N GLU A 31 14.51 -17.64 26.03
CA GLU A 31 15.20 -18.78 26.63
C GLU A 31 15.26 -18.67 28.15
N ALA A 32 15.50 -17.46 28.64
CA ALA A 32 15.71 -17.22 30.07
C ALA A 32 14.43 -17.31 30.90
N ASP A 33 13.28 -17.09 30.26
CA ASP A 33 12.02 -17.00 30.98
C ASP A 33 10.85 -17.64 30.23
N PRO A 34 10.48 -18.87 30.64
CA PRO A 34 9.38 -19.61 30.01
C PRO A 34 8.00 -18.96 30.18
N GLU A 35 7.90 -17.94 31.03
CA GLU A 35 6.65 -17.27 31.30
C GLU A 35 6.49 -16.02 30.43
N ARG A 36 7.40 -15.84 29.46
CA ARG A 36 7.44 -14.58 28.73
C ARG A 36 6.14 -14.31 27.96
N PHE A 37 5.67 -15.30 27.20
CA PHE A 37 4.38 -15.17 26.52
C PHE A 37 3.24 -14.80 27.49
N ASN A 38 3.18 -15.48 28.64
CA ASN A 38 2.15 -15.21 29.64
C ASN A 38 2.20 -13.79 30.21
N ASN A 39 3.41 -13.25 30.38
CA ASN A 39 3.58 -11.95 31.01
C ASN A 39 3.45 -10.78 30.04
N PHE A 40 3.49 -11.09 28.75
CA PHE A 40 3.47 -10.05 27.71
C PHE A 40 2.44 -10.33 26.63
N SER A 41 1.24 -10.73 27.05
CA SER A 41 0.11 -10.95 26.15
C SER A 41 -1.22 -10.72 26.88
N LEU A 42 -2.24 -10.37 26.10
CA LEU A 42 -3.60 -10.18 26.61
C LEU A 42 -4.56 -11.05 25.82
N ASN A 43 -5.22 -11.96 26.53
CA ASN A 43 -6.24 -12.79 25.94
C ASN A 43 -7.62 -12.22 26.27
N LEU A 44 -8.16 -11.45 25.34
CA LEU A 44 -9.42 -10.74 25.58
C LEU A 44 -10.62 -11.59 25.21
N ASN A 45 -11.54 -11.76 26.16
CA ASN A 45 -12.78 -12.47 25.91
C ASN A 45 -13.92 -11.48 25.74
N THR A 46 -14.40 -11.33 24.51
CA THR A 46 -15.47 -10.37 24.23
C THR A 46 -16.86 -10.96 24.42
N ASN A 47 -16.91 -12.25 24.74
CA ASN A 47 -18.14 -13.05 24.76
C ASN A 47 -18.69 -13.33 23.35
N HIS A 48 -18.01 -12.82 22.33
CA HIS A 48 -18.35 -13.10 20.93
C HIS A 48 -17.08 -13.44 20.15
N GLY A 49 -16.16 -14.10 20.83
CA GLY A 49 -14.86 -14.42 20.26
C GLY A 49 -13.77 -13.84 21.12
N HIS A 50 -12.57 -14.41 21.00
CA HIS A 50 -11.42 -13.92 21.74
C HIS A 50 -10.50 -13.14 20.81
N ILE A 51 -9.84 -12.11 21.36
CA ILE A 51 -8.76 -11.43 20.67
C ILE A 51 -7.50 -11.54 21.52
N LEU A 52 -6.50 -12.24 20.98
CA LEU A 52 -5.22 -12.39 21.65
C LEU A 52 -4.25 -11.34 21.12
N VAL A 53 -3.87 -10.41 21.98
CA VAL A 53 -2.84 -9.43 21.65
C VAL A 53 -1.53 -9.88 22.31
N ASP A 54 -0.70 -10.52 21.51
CA ASP A 54 0.56 -11.08 21.96
C ASP A 54 1.68 -10.12 21.61
N TYR A 55 2.16 -9.39 22.61
CA TYR A 55 3.22 -8.42 22.39
C TYR A 55 4.56 -8.89 22.95
N SER A 56 4.68 -10.20 23.17
CA SER A 56 5.86 -10.78 23.79
C SER A 56 7.13 -10.74 22.91
N LYS A 57 6.96 -10.73 21.58
CA LYS A 57 8.12 -10.67 20.69
C LYS A 57 8.58 -9.22 20.45
N ASN A 58 8.42 -8.38 21.48
CA ASN A 58 8.88 -7.01 21.45
C ASN A 58 10.13 -6.79 22.31
N LEU A 59 10.89 -5.75 21.99
CA LEU A 59 12.15 -5.49 22.68
C LEU A 59 11.86 -4.74 23.97
N VAL A 60 11.21 -5.45 24.89
CA VAL A 60 10.75 -4.87 26.15
C VAL A 60 10.97 -5.85 27.30
N SER A 61 11.11 -5.30 28.50
CA SER A 61 11.14 -6.08 29.73
C SER A 61 10.04 -5.54 30.62
N LYS A 62 9.81 -6.19 31.76
CA LYS A 62 8.89 -5.70 32.78
C LYS A 62 9.18 -4.23 33.09
N GLU A 63 10.46 -3.90 33.23
CA GLU A 63 10.89 -2.55 33.60
C GLU A 63 10.55 -1.53 32.51
N VAL A 64 10.81 -1.90 31.26
CA VAL A 64 10.44 -1.05 30.11
C VAL A 64 8.93 -0.77 30.09
N MET A 65 8.13 -1.82 30.22
CA MET A 65 6.68 -1.67 30.24
C MET A 65 6.19 -0.82 31.40
N GLN A 66 6.83 -0.99 32.56
CA GLN A 66 6.55 -0.18 33.75
C GLN A 66 6.77 1.30 33.47
N MET A 67 7.92 1.62 32.87
CA MET A 67 8.26 3.01 32.55
C MET A 67 7.29 3.62 31.55
N LEU A 68 6.90 2.81 30.56
CA LEU A 68 5.95 3.27 29.53
C LEU A 68 4.57 3.57 30.11
N VAL A 69 4.07 2.67 30.97
CA VAL A 69 2.80 2.91 31.65
C VAL A 69 2.88 4.17 32.52
N GLU A 70 4.00 4.32 33.23
CA GLU A 70 4.22 5.49 34.09
C GLU A 70 4.22 6.78 33.28
N LEU A 71 4.81 6.72 32.09
CA LEU A 71 4.78 7.84 31.15
C LEU A 71 3.36 8.18 30.69
N ALA A 72 2.56 7.15 30.40
CA ALA A 72 1.17 7.35 29.98
C ALA A 72 0.37 8.08 31.06
N LYS A 73 0.56 7.68 32.32
CA LYS A 73 -0.10 8.34 33.44
C LYS A 73 0.38 9.79 33.58
N SER A 74 1.69 9.97 33.47
CA SER A 74 2.33 11.30 33.51
C SER A 74 1.86 12.22 32.38
N ARG A 75 1.51 11.63 31.23
CA ARG A 75 1.02 12.42 30.11
C ARG A 75 -0.50 12.61 30.12
N GLY A 76 -1.17 12.11 31.16
CA GLY A 76 -2.59 12.35 31.36
C GLY A 76 -3.53 11.63 30.41
N VAL A 77 -3.13 10.44 29.97
CA VAL A 77 -3.93 9.62 29.04
C VAL A 77 -5.35 9.34 29.55
N GLU A 78 -5.48 8.89 30.80
CA GLU A 78 -6.79 8.51 31.32
C GLU A 78 -7.76 9.69 31.36
N ALA A 79 -7.27 10.84 31.83
CA ALA A 79 -8.10 12.05 31.87
C ALA A 79 -8.52 12.50 30.48
N ALA A 80 -7.59 12.46 29.52
CA ALA A 80 -7.88 12.84 28.15
C ALA A 80 -8.94 11.92 27.53
N ARG A 81 -8.79 10.62 27.79
CA ARG A 81 -9.76 9.62 27.31
C ARG A 81 -11.15 9.91 27.86
N ASP A 82 -11.23 10.14 29.17
CA ASP A 82 -12.51 10.43 29.81
C ASP A 82 -13.16 11.66 29.19
N ASN A 83 -12.37 12.68 28.91
CA ASN A 83 -12.84 13.89 28.26
C ASN A 83 -13.39 13.64 26.86
N MET A 84 -12.72 12.79 26.09
CA MET A 84 -13.24 12.40 24.79
C MET A 84 -14.63 11.78 24.94
N PHE A 85 -14.74 10.80 25.83
CA PHE A 85 -15.96 10.01 26.03
C PHE A 85 -17.11 10.83 26.60
N SER A 86 -16.78 11.93 27.29
CA SER A 86 -17.81 12.76 27.92
C SER A 86 -18.28 13.89 27.01
N GLY A 87 -17.67 14.02 25.83
CA GLY A 87 -18.08 15.04 24.89
C GLY A 87 -17.41 16.40 25.05
N SER A 88 -16.31 16.44 25.80
CA SER A 88 -15.48 17.65 25.89
C SER A 88 -14.94 17.98 24.51
N LYS A 89 -14.72 19.26 24.25
CA LYS A 89 -14.31 19.69 22.90
C LYS A 89 -12.80 19.58 22.72
N ILE A 90 -12.32 18.33 22.72
CA ILE A 90 -10.89 18.04 22.72
C ILE A 90 -10.20 18.28 21.37
N ASN A 91 -10.99 18.43 20.31
CA ASN A 91 -10.47 18.92 19.03
C ASN A 91 -10.39 20.44 19.18
N TYR A 92 -9.30 20.91 19.78
CA TYR A 92 -9.21 22.29 20.27
C TYR A 92 -9.00 23.33 19.18
N THR A 93 -8.39 22.94 18.05
CA THR A 93 -8.21 23.88 16.95
C THR A 93 -9.50 24.17 16.22
N GLU A 94 -10.43 23.22 16.23
CA GLU A 94 -11.72 23.40 15.56
C GLU A 94 -12.85 23.64 16.57
N ASP A 95 -12.52 23.59 17.86
CA ASP A 95 -13.49 23.66 18.95
C ASP A 95 -14.67 22.70 18.74
N ARG A 96 -14.33 21.41 18.62
CA ARG A 96 -15.32 20.36 18.39
C ARG A 96 -15.14 19.23 19.38
N ALA A 97 -16.24 18.56 19.69
CA ALA A 97 -16.19 17.27 20.40
C ALA A 97 -15.60 16.23 19.45
N VAL A 98 -15.24 15.07 20.01
CA VAL A 98 -14.67 13.96 19.25
C VAL A 98 -15.43 12.72 19.69
N LEU A 99 -16.46 12.37 18.94
CA LEU A 99 -17.45 11.42 19.45
C LEU A 99 -17.82 10.29 18.52
N HIS A 100 -16.84 9.73 17.83
CA HIS A 100 -17.10 8.48 17.13
C HIS A 100 -17.56 7.40 18.12
N VAL A 101 -17.14 7.50 19.39
CA VAL A 101 -17.61 6.53 20.41
C VAL A 101 -19.12 6.61 20.66
N ALA A 102 -19.71 7.80 20.44
CA ALA A 102 -21.16 7.97 20.57
C ALA A 102 -21.93 7.23 19.49
N LEU A 103 -21.35 7.17 18.30
CA LEU A 103 -22.00 6.53 17.15
C LEU A 103 -22.34 5.07 17.40
N ARG A 104 -21.50 4.41 18.19
CA ARG A 104 -21.64 2.99 18.50
C ARG A 104 -21.92 2.75 20.00
N ASN A 105 -22.42 3.79 20.68
CA ASN A 105 -22.74 3.70 22.11
C ASN A 105 -24.02 2.89 22.31
N ARG A 106 -23.86 1.55 22.28
CA ARG A 106 -25.00 0.62 22.34
C ARG A 106 -25.78 0.73 23.64
N SER A 107 -25.09 1.15 24.71
CA SER A 107 -25.70 1.32 26.03
C SER A 107 -26.73 2.44 26.09
N ASN A 108 -26.61 3.40 25.16
CA ASN A 108 -27.44 4.61 25.11
C ASN A 108 -27.34 5.54 26.34
N THR A 109 -26.31 5.33 27.15
CA THR A 109 -25.96 6.28 28.20
C THR A 109 -25.73 7.65 27.57
N PRO A 110 -26.40 8.68 28.09
CA PRO A 110 -26.28 10.03 27.52
C PRO A 110 -24.84 10.50 27.39
N ILE A 111 -24.53 11.07 26.23
CA ILE A 111 -23.28 11.79 26.04
C ILE A 111 -23.66 13.16 25.55
N LYS A 112 -23.27 14.18 26.30
CA LYS A 112 -23.73 15.54 26.04
C LYS A 112 -22.68 16.35 25.29
N VAL A 113 -23.17 17.12 24.31
CA VAL A 113 -22.38 18.18 23.67
C VAL A 113 -23.20 19.45 23.82
N ASP A 114 -22.60 20.46 24.44
CA ASP A 114 -23.28 21.73 24.69
C ASP A 114 -24.57 21.51 25.50
N GLY A 115 -24.50 20.61 26.49
CA GLY A 115 -25.61 20.34 27.37
C GLY A 115 -26.73 19.48 26.79
N LYS A 116 -26.54 18.96 25.59
CA LYS A 116 -27.57 18.18 24.91
C LYS A 116 -27.09 16.77 24.56
N ASP A 117 -27.88 15.76 24.96
CA ASP A 117 -27.60 14.36 24.64
C ASP A 117 -27.57 14.16 23.14
N VAL A 118 -26.49 13.56 22.64
CA VAL A 118 -26.35 13.28 21.21
C VAL A 118 -27.01 11.97 20.79
N MET A 119 -27.32 11.11 21.76
CA MET A 119 -27.81 9.76 21.49
C MET A 119 -29.15 9.66 20.74
N PRO A 120 -30.15 10.48 21.07
CA PRO A 120 -31.41 10.49 20.30
C PRO A 120 -31.18 10.70 18.79
N GLU A 121 -30.32 11.64 18.42
CA GLU A 121 -30.06 11.88 17.00
C GLU A 121 -29.23 10.76 16.36
N VAL A 122 -28.25 10.24 17.11
CA VAL A 122 -27.48 9.07 16.64
C VAL A 122 -28.45 7.93 16.29
N ASN A 123 -29.33 7.60 17.22
CA ASN A 123 -30.31 6.53 17.03
C ASN A 123 -31.38 6.82 16.00
N ARG A 124 -31.79 8.07 15.86
CA ARG A 124 -32.75 8.45 14.83
C ARG A 124 -32.17 8.16 13.43
N VAL A 125 -30.91 8.52 13.25
CA VAL A 125 -30.25 8.28 11.95
C VAL A 125 -30.06 6.77 11.72
N LEU A 126 -29.65 6.04 12.76
CA LEU A 126 -29.51 4.60 12.65
C LEU A 126 -30.84 3.92 12.28
N ASP A 127 -31.93 4.38 12.89
CA ASP A 127 -33.27 3.86 12.55
C ASP A 127 -33.63 4.15 11.10
N LYS A 128 -33.27 5.35 10.64
CA LYS A 128 -33.49 5.72 9.24
C LYS A 128 -32.68 4.82 8.29
N MET A 129 -31.42 4.57 8.65
CA MET A 129 -30.56 3.64 7.91
C MET A 129 -31.18 2.24 7.84
N LYS A 130 -31.66 1.77 8.99
CA LYS A 130 -32.24 0.44 9.09
C LYS A 130 -33.45 0.29 8.16
N SER A 131 -34.35 1.27 8.22
CA SER A 131 -35.54 1.28 7.39
C SER A 131 -35.19 1.32 5.90
N PHE A 132 -34.25 2.19 5.53
CA PHE A 132 -33.79 2.29 4.14
C PHE A 132 -33.18 0.99 3.65
N CYS A 133 -32.33 0.38 4.46
CA CYS A 133 -31.72 -0.90 4.09
C CYS A 133 -32.75 -1.98 3.82
N GLN A 134 -33.75 -2.08 4.69
CA GLN A 134 -34.83 -3.05 4.48
C GLN A 134 -35.53 -2.84 3.14
N ARG A 135 -35.85 -1.58 2.84
CA ARG A 135 -36.58 -1.25 1.62
C ARG A 135 -35.76 -1.61 0.37
N VAL A 136 -34.47 -1.29 0.39
CA VAL A 136 -33.64 -1.55 -0.78
C VAL A 136 -33.34 -3.04 -0.92
N ARG A 137 -32.91 -3.66 0.17
CA ARG A 137 -32.47 -5.06 0.13
C ARG A 137 -33.60 -6.02 -0.20
N SER A 138 -34.82 -5.71 0.25
CA SER A 138 -35.99 -6.56 0.02
C SER A 138 -36.46 -6.52 -1.42
N GLY A 139 -35.97 -5.53 -2.18
CA GLY A 139 -36.43 -5.30 -3.53
C GLY A 139 -37.62 -4.36 -3.62
N ASP A 140 -38.12 -3.90 -2.48
CA ASP A 140 -39.30 -3.02 -2.45
C ASP A 140 -39.03 -1.67 -3.11
N TRP A 141 -37.86 -1.10 -2.82
CA TRP A 141 -37.44 0.18 -3.40
C TRP A 141 -37.22 0.00 -4.89
N LYS A 142 -37.95 0.76 -5.70
CA LYS A 142 -37.89 0.62 -7.14
C LYS A 142 -37.26 1.86 -7.81
N GLY A 143 -36.53 1.60 -8.90
CA GLY A 143 -35.94 2.67 -9.68
C GLY A 143 -36.97 3.34 -10.57
N TYR A 144 -36.51 4.25 -11.43
CA TYR A 144 -37.41 5.10 -12.20
C TYR A 144 -38.26 4.38 -13.25
N THR A 145 -37.85 3.16 -13.62
CA THR A 145 -38.63 2.34 -14.55
C THR A 145 -39.36 1.18 -13.84
N GLY A 146 -39.29 1.18 -12.52
CA GLY A 146 -40.03 0.23 -11.70
C GLY A 146 -39.31 -1.08 -11.40
N LYS A 147 -37.98 -1.07 -11.46
CA LYS A 147 -37.17 -2.27 -11.19
C LYS A 147 -36.43 -2.17 -9.85
N SER A 148 -36.20 -3.32 -9.23
CA SER A 148 -35.43 -3.38 -7.98
C SER A 148 -33.99 -2.95 -8.21
N ILE A 149 -33.37 -2.41 -7.17
CA ILE A 149 -31.98 -1.95 -7.23
C ILE A 149 -31.03 -3.15 -7.15
N THR A 150 -30.07 -3.20 -8.08
CA THR A 150 -29.10 -4.31 -8.12
C THR A 150 -27.69 -3.85 -7.74
N ASP A 151 -27.44 -2.55 -7.81
CA ASP A 151 -26.11 -1.99 -7.60
C ASP A 151 -26.17 -0.72 -6.78
N ILE A 152 -25.30 -0.63 -5.78
CA ILE A 152 -25.14 0.62 -5.02
C ILE A 152 -23.76 1.19 -5.25
N ILE A 153 -23.69 2.51 -5.44
CA ILE A 153 -22.43 3.14 -5.76
C ILE A 153 -22.15 4.26 -4.79
N ASN A 154 -21.14 4.03 -3.94
CA ASN A 154 -20.69 5.06 -3.03
C ASN A 154 -19.75 6.00 -3.76
N ILE A 155 -20.04 7.30 -3.69
CA ILE A 155 -19.19 8.34 -4.23
C ILE A 155 -18.71 9.21 -3.08
N GLY A 156 -17.41 9.19 -2.84
CA GLY A 156 -16.81 9.90 -1.72
C GLY A 156 -15.32 9.69 -1.76
N ILE A 157 -14.58 10.49 -0.98
CA ILE A 157 -13.13 10.38 -0.99
C ILE A 157 -12.59 10.45 0.43
N GLY A 158 -11.42 9.84 0.65
CA GLY A 158 -10.82 9.83 1.97
C GLY A 158 -11.72 9.17 3.00
N GLY A 159 -12.08 9.92 4.04
CA GLY A 159 -12.91 9.40 5.12
C GLY A 159 -14.30 8.96 4.67
N SER A 160 -14.75 9.49 3.54
CA SER A 160 -16.07 9.14 3.00
C SER A 160 -16.00 7.99 1.99
N ASP A 161 -14.84 7.32 1.93
CA ASP A 161 -14.58 6.25 0.97
C ASP A 161 -13.92 5.04 1.63
N LEU A 162 -12.77 5.25 2.29
CA LEU A 162 -11.90 4.15 2.68
C LEU A 162 -12.50 3.19 3.72
N GLY A 163 -13.21 3.73 4.70
CA GLY A 163 -13.91 2.90 5.68
C GLY A 163 -14.92 1.96 5.07
N PRO A 164 -15.94 2.50 4.40
CA PRO A 164 -16.94 1.68 3.70
C PRO A 164 -16.30 0.65 2.76
N LEU A 165 -15.29 1.07 2.01
CA LEU A 165 -14.60 0.17 1.09
C LEU A 165 -13.92 -0.97 1.87
N MET A 166 -13.13 -0.62 2.87
CA MET A 166 -12.36 -1.61 3.60
C MET A 166 -13.28 -2.61 4.29
N VAL A 167 -14.36 -2.10 4.90
CA VAL A 167 -15.26 -2.95 5.67
C VAL A 167 -16.10 -3.87 4.77
N THR A 168 -16.62 -3.35 3.65
CA THR A 168 -17.37 -4.21 2.73
C THR A 168 -16.46 -5.27 2.13
N GLU A 169 -15.20 -4.93 1.91
CA GLU A 169 -14.23 -5.93 1.42
C GLU A 169 -13.99 -6.99 2.50
N ALA A 170 -13.80 -6.55 3.73
CA ALA A 170 -13.49 -7.45 4.85
C ALA A 170 -14.66 -8.36 5.23
N LEU A 171 -15.88 -7.88 4.98
CA LEU A 171 -17.09 -8.59 5.40
C LEU A 171 -17.84 -9.16 4.20
N LYS A 172 -17.13 -9.38 3.09
CA LYS A 172 -17.74 -9.90 1.87
C LYS A 172 -18.63 -11.15 2.05
N PRO A 173 -18.21 -12.15 2.85
CA PRO A 173 -19.05 -13.34 3.05
C PRO A 173 -20.41 -13.05 3.64
N TYR A 174 -20.56 -11.88 4.26
CA TYR A 174 -21.81 -11.50 4.92
C TYR A 174 -22.76 -10.71 4.00
N SER A 175 -22.44 -10.67 2.70
CA SER A 175 -23.18 -9.85 1.74
C SER A 175 -24.15 -10.61 0.82
N LYS A 176 -24.38 -11.89 1.09
CA LYS A 176 -25.35 -12.64 0.32
C LYS A 176 -26.75 -12.04 0.53
N GLY A 177 -27.45 -11.76 -0.57
CA GLY A 177 -28.76 -11.13 -0.51
C GLY A 177 -28.73 -9.60 -0.45
N GLY A 178 -27.53 -9.03 -0.56
CA GLY A 178 -27.37 -7.60 -0.67
C GLY A 178 -27.00 -7.22 -2.10
N PRO A 179 -27.21 -5.95 -2.46
CA PRO A 179 -26.87 -5.46 -3.79
C PRO A 179 -25.36 -5.42 -3.96
N ARG A 180 -24.87 -5.48 -5.20
CA ARG A 180 -23.45 -5.26 -5.46
C ARG A 180 -23.09 -3.86 -5.00
N VAL A 181 -21.89 -3.70 -4.45
CA VAL A 181 -21.41 -2.38 -4.01
C VAL A 181 -20.17 -1.94 -4.79
N TRP A 182 -20.18 -0.68 -5.23
CA TRP A 182 -19.09 -0.07 -5.99
C TRP A 182 -18.62 1.17 -5.25
N PHE A 183 -17.32 1.48 -5.37
CA PHE A 183 -16.77 2.66 -4.74
C PHE A 183 -16.08 3.53 -5.78
N VAL A 184 -16.55 4.76 -5.89
CA VAL A 184 -15.96 5.75 -6.78
C VAL A 184 -15.41 6.86 -5.88
N SER A 185 -14.15 7.23 -6.09
CA SER A 185 -13.51 8.18 -5.19
C SER A 185 -12.58 9.15 -5.91
N ASN A 186 -11.72 8.63 -6.77
CA ASN A 186 -10.76 9.48 -7.46
C ASN A 186 -11.48 10.46 -8.38
N ILE A 187 -10.97 11.69 -8.48
CA ILE A 187 -11.45 12.60 -9.53
C ILE A 187 -11.07 12.07 -10.92
N ASP A 188 -9.95 11.35 -10.98
CA ASP A 188 -9.57 10.69 -12.24
C ASP A 188 -10.79 10.04 -12.91
N GLY A 189 -11.14 10.56 -14.09
CA GLY A 189 -12.35 10.14 -14.80
C GLY A 189 -12.43 8.66 -15.10
N THR A 190 -11.27 7.99 -15.11
CA THR A 190 -11.24 6.55 -15.20
C THR A 190 -12.13 5.89 -14.14
N HIS A 191 -12.12 6.44 -12.94
CA HIS A 191 -12.81 5.77 -11.85
C HIS A 191 -14.32 5.71 -12.09
N ILE A 192 -14.94 6.87 -12.30
CA ILE A 192 -16.37 6.88 -12.56
C ILE A 192 -16.71 6.25 -13.91
N ALA A 193 -15.86 6.48 -14.93
CA ALA A 193 -16.16 5.99 -16.26
C ALA A 193 -16.24 4.47 -16.31
N LYS A 194 -15.27 3.80 -15.70
CA LYS A 194 -15.27 2.35 -15.75
C LYS A 194 -16.36 1.74 -14.86
N THR A 195 -16.75 2.47 -13.83
CA THR A 195 -17.87 2.05 -12.98
C THR A 195 -19.20 2.15 -13.74
N LEU A 196 -19.45 3.30 -14.37
CA LEU A 196 -20.72 3.52 -15.07
C LEU A 196 -20.89 2.60 -16.27
N ALA A 197 -19.78 2.20 -16.89
CA ALA A 197 -19.80 1.33 -18.06
C ALA A 197 -20.46 -0.02 -17.74
N SER A 198 -20.43 -0.39 -16.47
CA SER A 198 -20.93 -1.68 -15.99
C SER A 198 -22.32 -1.59 -15.37
N LEU A 199 -22.95 -0.43 -15.47
CA LEU A 199 -24.20 -0.19 -14.75
C LEU A 199 -25.36 0.24 -15.65
N SER A 200 -26.57 0.02 -15.16
CA SER A 200 -27.79 0.53 -15.77
C SER A 200 -28.37 1.64 -14.87
N PRO A 201 -28.71 2.78 -15.46
CA PRO A 201 -29.33 3.87 -14.70
C PRO A 201 -30.63 3.40 -14.01
N GLU A 202 -31.28 2.39 -14.57
CA GLU A 202 -32.57 1.90 -14.04
C GLU A 202 -32.45 1.17 -12.70
N THR A 203 -31.28 0.61 -12.41
CA THR A 203 -31.12 -0.29 -11.27
C THR A 203 -29.94 0.09 -10.36
N SER A 204 -29.43 1.31 -10.53
CA SER A 204 -28.29 1.78 -9.76
C SER A 204 -28.71 2.86 -8.78
N LEU A 205 -28.28 2.72 -7.53
CA LEU A 205 -28.50 3.72 -6.49
C LEU A 205 -27.17 4.34 -6.08
N PHE A 206 -27.07 5.66 -6.23
CA PHE A 206 -25.87 6.41 -5.86
C PHE A 206 -25.97 6.99 -4.47
N ILE A 207 -24.87 6.89 -3.74
CA ILE A 207 -24.77 7.37 -2.38
C ILE A 207 -23.67 8.42 -2.38
N ILE A 208 -24.07 9.68 -2.24
CA ILE A 208 -23.08 10.76 -2.23
C ILE A 208 -22.63 11.03 -0.81
N ALA A 209 -21.41 10.59 -0.51
CA ALA A 209 -20.87 10.63 0.84
C ALA A 209 -19.85 11.74 0.99
N SER A 210 -20.20 12.73 1.80
CA SER A 210 -19.34 13.89 1.99
C SER A 210 -19.80 14.65 3.21
N LYS A 211 -18.94 14.74 4.23
CA LYS A 211 -19.23 15.51 5.43
C LYS A 211 -19.59 16.97 5.10
N THR A 212 -18.73 17.60 4.30
CA THR A 212 -18.93 19.00 3.92
C THR A 212 -19.92 19.17 2.78
N PHE A 213 -19.96 18.17 1.90
CA PHE A 213 -20.69 18.24 0.63
C PHE A 213 -20.19 19.35 -0.30
N THR A 214 -18.90 19.68 -0.16
CA THR A 214 -18.26 20.65 -1.05
C THR A 214 -16.94 20.16 -1.64
N THR A 215 -16.50 18.96 -1.25
CA THR A 215 -15.22 18.43 -1.75
C THR A 215 -15.27 18.29 -3.25
N GLN A 216 -14.27 18.87 -3.92
CA GLN A 216 -14.29 18.94 -5.38
C GLN A 216 -14.44 17.57 -6.06
N GLU A 217 -13.64 16.59 -5.65
CA GLU A 217 -13.69 15.27 -6.29
C GLU A 217 -15.08 14.67 -6.19
N THR A 218 -15.66 14.72 -5.00
CA THR A 218 -16.93 14.06 -4.73
C THR A 218 -18.10 14.74 -5.43
N ILE A 219 -18.15 16.07 -5.35
CA ILE A 219 -19.23 16.80 -6.00
C ILE A 219 -19.14 16.70 -7.53
N THR A 220 -17.92 16.72 -8.08
CA THR A 220 -17.75 16.53 -9.52
C THR A 220 -18.18 15.14 -9.96
N ASN A 221 -17.68 14.10 -9.28
CA ASN A 221 -18.13 12.73 -9.54
C ASN A 221 -19.65 12.60 -9.44
N ALA A 222 -20.23 13.23 -8.42
CA ALA A 222 -21.68 13.17 -8.20
C ALA A 222 -22.44 13.82 -9.36
N GLU A 223 -21.93 14.96 -9.83
CA GLU A 223 -22.55 15.68 -10.94
C GLU A 223 -22.43 14.87 -12.24
N THR A 224 -21.30 14.21 -12.43
CA THR A 224 -21.10 13.32 -13.58
C THR A 224 -22.08 12.14 -13.54
N ALA A 225 -22.24 11.53 -12.37
CA ALA A 225 -23.21 10.47 -12.17
C ALA A 225 -24.62 10.95 -12.46
N LYS A 226 -24.97 12.14 -11.97
CA LYS A 226 -26.30 12.70 -12.18
C LYS A 226 -26.60 13.00 -13.64
N GLU A 227 -25.60 13.52 -14.35
CA GLU A 227 -25.73 13.80 -15.78
C GLU A 227 -25.94 12.50 -16.57
N TRP A 228 -25.15 11.47 -16.26
CA TRP A 228 -25.30 10.15 -16.87
C TRP A 228 -26.69 9.60 -16.60
N PHE A 229 -27.14 9.75 -15.35
CA PHE A 229 -28.44 9.24 -14.96
C PHE A 229 -29.56 9.96 -15.72
N LEU A 230 -29.47 11.29 -15.76
CA LEU A 230 -30.53 12.10 -16.37
C LEU A 230 -30.58 11.97 -17.89
N GLU A 231 -29.45 11.61 -18.49
CA GLU A 231 -29.44 11.39 -19.93
C GLU A 231 -30.35 10.21 -20.30
N ALA A 232 -30.49 9.26 -19.37
CA ALA A 232 -31.37 8.12 -19.53
C ALA A 232 -32.79 8.38 -19.01
N ALA A 233 -32.88 8.95 -17.81
CA ALA A 233 -34.16 9.11 -17.12
C ALA A 233 -34.96 10.30 -17.64
N LYS A 234 -34.25 11.38 -17.98
CA LYS A 234 -34.85 12.59 -18.57
C LYS A 234 -35.97 13.20 -17.70
N ASP A 235 -35.82 13.08 -16.38
CA ASP A 235 -36.85 13.51 -15.42
C ASP A 235 -36.19 13.79 -14.07
N PRO A 236 -36.13 15.05 -13.66
CA PRO A 236 -35.46 15.43 -12.40
C PRO A 236 -36.09 14.79 -11.16
N SER A 237 -37.39 14.47 -11.22
CA SER A 237 -38.05 13.80 -10.10
C SER A 237 -37.54 12.37 -9.88
N ALA A 238 -36.96 11.78 -10.92
CA ALA A 238 -36.43 10.42 -10.85
C ALA A 238 -35.16 10.35 -10.00
N VAL A 239 -34.49 11.49 -9.84
CA VAL A 239 -33.24 11.56 -9.05
C VAL A 239 -33.48 11.06 -7.61
N ALA A 240 -34.64 11.40 -7.04
CA ALA A 240 -35.02 10.97 -5.70
C ALA A 240 -35.10 9.44 -5.52
N LYS A 241 -35.23 8.70 -6.61
CA LYS A 241 -35.27 7.25 -6.53
C LYS A 241 -33.87 6.63 -6.63
N HIS A 242 -32.87 7.47 -6.95
CA HIS A 242 -31.55 6.95 -7.34
C HIS A 242 -30.36 7.62 -6.67
N PHE A 243 -30.60 8.68 -5.91
CA PHE A 243 -29.53 9.40 -5.24
C PHE A 243 -29.88 9.70 -3.80
N VAL A 244 -29.00 9.28 -2.88
CA VAL A 244 -29.09 9.67 -1.46
C VAL A 244 -27.79 10.36 -1.04
N ALA A 245 -27.84 11.09 0.07
CA ALA A 245 -26.69 11.82 0.57
C ALA A 245 -26.37 11.49 2.02
N LEU A 246 -25.08 11.40 2.32
CA LEU A 246 -24.61 11.23 3.69
C LEU A 246 -23.75 12.43 4.00
N SER A 247 -24.23 13.29 4.90
CA SER A 247 -23.61 14.60 5.08
C SER A 247 -23.98 15.31 6.39
N THR A 248 -23.23 16.35 6.73
CA THR A 248 -23.63 17.29 7.79
C THR A 248 -24.25 18.56 7.20
N ASN A 249 -24.18 18.72 5.88
CA ASN A 249 -24.53 19.98 5.21
C ASN A 249 -25.87 19.93 4.48
N THR A 250 -26.95 20.15 5.23
CA THR A 250 -28.30 20.10 4.68
C THR A 250 -28.50 21.03 3.48
N ALA A 251 -27.97 22.25 3.57
CA ALA A 251 -28.17 23.25 2.51
C ALA A 251 -27.49 22.86 1.19
N LYS A 252 -26.25 22.37 1.28
CA LYS A 252 -25.51 21.97 0.08
C LYS A 252 -26.09 20.71 -0.55
N VAL A 253 -26.63 19.82 0.27
CA VAL A 253 -27.34 18.62 -0.21
C VAL A 253 -28.61 19.01 -0.99
N LYS A 254 -29.39 19.94 -0.42
CA LYS A 254 -30.57 20.49 -1.08
C LYS A 254 -30.17 21.15 -2.41
N GLU A 255 -29.11 21.95 -2.37
CA GLU A 255 -28.58 22.67 -3.54
C GLU A 255 -28.23 21.73 -4.69
N PHE A 256 -27.55 20.63 -4.37
CA PHE A 256 -27.20 19.61 -5.36
C PHE A 256 -28.45 18.97 -5.97
N GLY A 257 -29.56 19.02 -5.25
CA GLY A 257 -30.84 18.57 -5.76
C GLY A 257 -31.32 17.25 -5.19
N ILE A 258 -30.85 16.90 -3.99
CA ILE A 258 -31.27 15.67 -3.32
C ILE A 258 -32.43 15.88 -2.33
N ASP A 259 -33.44 15.01 -2.45
CA ASP A 259 -34.56 14.90 -1.53
C ASP A 259 -34.14 15.03 -0.06
N PRO A 260 -34.83 15.88 0.71
CA PRO A 260 -34.51 16.07 2.13
C PRO A 260 -34.65 14.77 2.94
N GLN A 261 -35.61 13.93 2.54
CA GLN A 261 -35.79 12.61 3.14
C GLN A 261 -34.77 11.59 2.65
N ASN A 262 -33.94 11.97 1.67
CA ASN A 262 -32.87 11.12 1.18
C ASN A 262 -31.51 11.49 1.80
N MET A 263 -31.54 12.29 2.86
CA MET A 263 -30.31 12.69 3.54
C MET A 263 -30.12 11.97 4.87
N PHE A 264 -28.97 11.32 5.02
CA PHE A 264 -28.60 10.62 6.25
C PHE A 264 -27.55 11.46 6.96
N GLU A 265 -27.95 12.02 8.10
CA GLU A 265 -27.18 13.06 8.77
C GLU A 265 -26.10 12.49 9.66
N PHE A 266 -24.95 13.16 9.69
CA PHE A 266 -24.03 13.02 10.80
C PHE A 266 -23.59 14.40 11.29
N TRP A 267 -22.58 14.44 12.17
CA TRP A 267 -22.30 15.63 12.97
C TRP A 267 -20.84 16.06 12.94
N ASP A 268 -20.58 17.32 13.28
CA ASP A 268 -19.19 17.83 13.18
C ASP A 268 -18.18 17.08 14.05
N TRP A 269 -18.67 16.44 15.13
CA TRP A 269 -17.81 15.66 16.03
C TRP A 269 -17.50 14.25 15.52
N VAL A 270 -17.93 13.95 14.30
CA VAL A 270 -17.55 12.72 13.59
C VAL A 270 -16.44 13.05 12.60
N GLY A 271 -15.20 12.70 12.92
CA GLY A 271 -14.10 12.91 11.99
C GLY A 271 -14.27 12.00 10.78
N GLY A 272 -13.90 12.47 9.59
CA GLY A 272 -14.04 11.65 8.39
C GLY A 272 -13.39 10.28 8.54
N ARG A 273 -12.15 10.28 9.00
CA ARG A 273 -11.40 9.04 9.17
C ARG A 273 -11.86 8.20 10.37
N TYR A 274 -12.90 8.68 11.06
CA TYR A 274 -13.59 7.95 12.14
C TYR A 274 -15.08 7.85 11.84
N SER A 275 -15.46 7.85 10.57
CA SER A 275 -16.86 8.07 10.22
C SER A 275 -17.66 6.86 9.75
N LEU A 276 -17.01 5.72 9.51
CA LEU A 276 -17.73 4.53 9.01
C LEU A 276 -18.86 4.06 9.94
N TRP A 277 -18.78 4.46 11.20
CA TRP A 277 -19.75 4.08 12.24
C TRP A 277 -21.04 4.90 12.16
N SER A 278 -20.97 6.00 11.41
CA SER A 278 -22.09 6.91 11.23
C SER A 278 -22.91 6.58 9.99
N ALA A 279 -23.72 7.54 9.56
CA ALA A 279 -24.40 7.51 8.27
C ALA A 279 -23.45 7.14 7.11
N ILE A 280 -22.17 7.50 7.24
CA ILE A 280 -21.17 7.17 6.19
C ILE A 280 -21.09 5.65 5.95
N GLY A 281 -21.49 4.87 6.95
CA GLY A 281 -21.53 3.42 6.82
C GLY A 281 -22.73 2.84 6.09
N LEU A 282 -23.55 3.70 5.47
CA LEU A 282 -24.76 3.21 4.80
C LEU A 282 -24.49 2.14 3.75
N SER A 283 -23.42 2.32 2.95
CA SER A 283 -23.07 1.32 1.95
C SER A 283 -22.71 -0.03 2.58
N ILE A 284 -22.11 0.00 3.79
CA ILE A 284 -21.84 -1.24 4.54
C ILE A 284 -23.15 -1.93 4.87
N ALA A 285 -24.04 -1.18 5.52
CA ALA A 285 -25.32 -1.69 5.98
C ALA A 285 -26.18 -2.21 4.82
N LEU A 286 -26.14 -1.52 3.68
CA LEU A 286 -26.86 -2.00 2.50
C LEU A 286 -26.28 -3.32 1.96
N HIS A 287 -24.95 -3.43 1.98
CA HIS A 287 -24.25 -4.58 1.43
C HIS A 287 -24.37 -5.82 2.31
N VAL A 288 -24.11 -5.68 3.60
CA VAL A 288 -24.13 -6.84 4.52
C VAL A 288 -25.42 -6.93 5.37
N GLY A 289 -26.25 -5.89 5.32
CA GLY A 289 -27.45 -5.85 6.12
C GLY A 289 -27.27 -5.06 7.40
N PHE A 290 -28.34 -4.42 7.85
CA PHE A 290 -28.28 -3.62 9.06
C PHE A 290 -27.91 -4.40 10.33
N ASP A 291 -28.32 -5.66 10.42
CA ASP A 291 -28.00 -6.47 11.59
C ASP A 291 -26.49 -6.63 11.71
N HIS A 292 -25.82 -6.90 10.59
CA HIS A 292 -24.37 -7.05 10.60
C HIS A 292 -23.68 -5.72 10.88
N PHE A 293 -24.27 -4.62 10.41
CA PHE A 293 -23.76 -3.29 10.74
C PHE A 293 -23.85 -3.02 12.25
N GLU A 294 -24.98 -3.39 12.84
CA GLU A 294 -25.15 -3.29 14.29
C GLU A 294 -24.14 -4.12 15.07
N GLN A 295 -23.78 -5.29 14.54
CA GLN A 295 -22.77 -6.15 15.15
C GLN A 295 -21.40 -5.46 15.10
N LEU A 296 -21.08 -4.87 13.94
CA LEU A 296 -19.87 -4.07 13.77
C LEU A 296 -19.79 -2.94 14.81
N LEU A 297 -20.88 -2.19 14.97
CA LEU A 297 -20.95 -1.14 15.98
C LEU A 297 -20.76 -1.70 17.39
N SER A 298 -21.37 -2.86 17.64
CA SER A 298 -21.31 -3.50 18.95
C SER A 298 -19.90 -3.97 19.31
N GLY A 299 -19.16 -4.44 18.32
CA GLY A 299 -17.77 -4.83 18.53
C GLY A 299 -16.92 -3.62 18.91
N ALA A 300 -17.12 -2.52 18.20
CA ALA A 300 -16.44 -1.28 18.53
C ALA A 300 -16.80 -0.85 19.94
N HIS A 301 -18.09 -0.94 20.29
CA HIS A 301 -18.54 -0.57 21.64
C HIS A 301 -17.85 -1.40 22.72
N TRP A 302 -17.69 -2.70 22.48
CA TRP A 302 -17.00 -3.55 23.43
C TRP A 302 -15.59 -3.04 23.67
N MET A 303 -14.87 -2.76 22.57
CA MET A 303 -13.50 -2.26 22.65
C MET A 303 -13.42 -0.88 23.30
N ASP A 304 -14.44 -0.05 23.06
CA ASP A 304 -14.53 1.26 23.72
C ASP A 304 -14.57 1.08 25.24
N GLN A 305 -15.42 0.15 25.69
CA GLN A 305 -15.57 -0.15 27.12
C GLN A 305 -14.29 -0.73 27.70
N HIS A 306 -13.60 -1.55 26.92
CA HIS A 306 -12.31 -2.09 27.32
C HIS A 306 -11.33 -0.94 27.56
N PHE A 307 -11.23 -0.04 26.60
CA PHE A 307 -10.36 1.12 26.68
C PHE A 307 -10.70 2.01 27.87
N LEU A 308 -11.99 2.21 28.11
CA LEU A 308 -12.48 3.11 29.16
C LEU A 308 -12.24 2.59 30.59
N LYS A 309 -12.38 1.28 30.77
CA LYS A 309 -12.51 0.70 32.12
C LYS A 309 -11.30 -0.12 32.60
N THR A 310 -10.41 -0.48 31.68
CA THR A 310 -9.27 -1.34 32.01
C THR A 310 -8.05 -0.55 32.50
N PRO A 311 -7.41 -1.01 33.57
CA PRO A 311 -6.11 -0.46 34.00
C PRO A 311 -5.09 -0.43 32.87
N LEU A 312 -4.35 0.67 32.80
CA LEU A 312 -3.41 0.90 31.69
C LEU A 312 -2.51 -0.30 31.35
N GLU A 313 -2.01 -0.98 32.37
CA GLU A 313 -1.06 -2.07 32.18
C GLU A 313 -1.65 -3.31 31.49
N LYS A 314 -2.97 -3.40 31.44
CA LYS A 314 -3.65 -4.52 30.76
C LYS A 314 -4.64 -4.02 29.71
N ASN A 315 -4.44 -2.79 29.24
CA ASN A 315 -5.33 -2.09 28.32
C ASN A 315 -4.76 -2.18 26.90
N ALA A 316 -5.41 -2.96 26.05
CA ALA A 316 -4.86 -3.32 24.73
C ALA A 316 -4.45 -2.12 23.85
N PRO A 317 -5.34 -1.16 23.57
CA PRO A 317 -4.93 0.01 22.77
C PRO A 317 -3.81 0.80 23.42
N VAL A 318 -3.83 0.90 24.75
CA VAL A 318 -2.77 1.62 25.47
C VAL A 318 -1.41 0.95 25.26
N LEU A 319 -1.36 -0.37 25.45
CA LEU A 319 -0.12 -1.11 25.27
C LEU A 319 0.42 -1.02 23.84
N LEU A 320 -0.45 -1.16 22.85
CA LEU A 320 -0.05 -1.01 21.46
C LEU A 320 0.52 0.38 21.22
N ALA A 321 -0.15 1.38 21.77
CA ALA A 321 0.29 2.77 21.65
C ALA A 321 1.68 2.97 22.26
N LEU A 322 1.88 2.43 23.46
CA LEU A 322 3.14 2.59 24.17
C LEU A 322 4.31 1.87 23.51
N LEU A 323 4.07 0.69 22.93
CA LEU A 323 5.09 0.00 22.16
C LEU A 323 5.51 0.85 20.96
N GLY A 324 4.52 1.49 20.34
CA GLY A 324 4.75 2.41 19.25
C GLY A 324 5.62 3.59 19.67
N ILE A 325 5.29 4.23 20.79
CA ILE A 325 6.10 5.33 21.34
C ILE A 325 7.55 4.88 21.54
N TRP A 326 7.72 3.71 22.13
CA TRP A 326 9.02 3.09 22.35
C TRP A 326 9.81 2.99 21.03
N TYR A 327 9.18 2.48 19.99
CA TYR A 327 9.87 2.31 18.71
C TYR A 327 10.07 3.62 17.97
N ILE A 328 9.12 4.54 18.10
CA ILE A 328 9.19 5.81 17.37
C ILE A 328 10.14 6.80 18.05
N ASN A 329 9.92 7.06 19.33
CA ASN A 329 10.65 8.11 20.03
C ASN A 329 11.97 7.66 20.67
N CYS A 330 12.13 6.36 20.89
CA CYS A 330 13.40 5.85 21.40
C CYS A 330 14.27 5.20 20.33
N TYR A 331 13.72 4.29 19.53
CA TYR A 331 14.48 3.66 18.43
C TYR A 331 14.54 4.47 17.12
N GLY A 332 13.63 5.42 16.96
CA GLY A 332 13.60 6.26 15.77
C GLY A 332 13.06 5.60 14.50
N CYS A 333 12.21 4.59 14.64
CA CYS A 333 11.65 3.88 13.47
C CYS A 333 10.60 4.74 12.79
N GLU A 334 10.78 4.99 11.50
CA GLU A 334 9.85 5.85 10.76
C GLU A 334 8.52 5.20 10.48
N THR A 335 8.51 3.87 10.37
CA THR A 335 7.34 3.19 9.83
C THR A 335 6.72 2.17 10.77
N HIS A 336 5.49 1.78 10.43
CA HIS A 336 4.77 0.76 11.16
C HIS A 336 4.03 -0.08 10.14
N ALA A 337 4.34 -1.36 10.09
CA ALA A 337 3.73 -2.26 9.10
C ALA A 337 2.53 -3.00 9.67
N LEU A 338 1.43 -2.97 8.92
CA LEU A 338 0.25 -3.76 9.24
C LEU A 338 0.09 -4.87 8.22
N LEU A 339 0.20 -6.11 8.71
CA LEU A 339 0.29 -7.28 7.85
C LEU A 339 -0.77 -8.34 8.22
N PRO A 340 -2.00 -8.15 7.76
CA PRO A 340 -3.06 -9.11 8.05
C PRO A 340 -2.95 -10.33 7.13
N TYR A 341 -2.95 -11.52 7.73
CA TYR A 341 -2.91 -12.77 6.97
C TYR A 341 -4.32 -13.15 6.58
N ASP A 342 -4.91 -12.30 5.74
CA ASP A 342 -6.31 -12.39 5.39
C ASP A 342 -6.57 -11.54 4.15
N GLN A 343 -6.95 -12.21 3.07
CA GLN A 343 -7.24 -11.57 1.80
C GLN A 343 -8.43 -10.62 1.88
N TYR A 344 -9.45 -10.96 2.68
CA TYR A 344 -10.59 -10.08 2.84
C TYR A 344 -10.15 -8.75 3.48
N MET A 345 -9.14 -8.81 4.34
CA MET A 345 -8.54 -7.62 4.96
C MET A 345 -7.54 -6.86 4.08
N HIS A 346 -7.61 -7.04 2.76
CA HIS A 346 -6.60 -6.47 1.86
C HIS A 346 -6.56 -4.93 1.83
N ARG A 347 -7.59 -4.26 2.35
CA ARG A 347 -7.58 -2.79 2.43
C ARG A 347 -7.47 -2.23 3.85
N PHE A 348 -7.22 -3.12 4.82
CA PHE A 348 -7.04 -2.75 6.22
C PHE A 348 -5.85 -1.82 6.44
N ALA A 349 -4.70 -2.17 5.88
CA ALA A 349 -3.51 -1.33 6.00
C ALA A 349 -3.74 0.04 5.38
N ALA A 350 -4.35 0.10 4.19
CA ALA A 350 -4.64 1.39 3.53
C ALA A 350 -5.56 2.25 4.37
N TYR A 351 -6.55 1.62 4.99
CA TYR A 351 -7.48 2.32 5.88
C TYR A 351 -6.75 3.02 7.02
N PHE A 352 -5.86 2.29 7.70
CA PHE A 352 -5.17 2.87 8.84
C PHE A 352 -3.99 3.73 8.44
N GLN A 353 -3.60 3.62 7.17
CA GLN A 353 -2.75 4.64 6.58
C GLN A 353 -3.39 6.01 6.76
N GLN A 354 -4.67 6.14 6.41
CA GLN A 354 -5.40 7.38 6.67
C GLN A 354 -5.63 7.62 8.17
N GLY A 355 -6.21 6.63 8.84
CA GLY A 355 -6.61 6.80 10.23
C GLY A 355 -5.45 7.26 11.09
N ASP A 356 -4.30 6.63 10.90
CA ASP A 356 -3.12 6.92 11.70
C ASP A 356 -2.44 8.21 11.20
N MET A 357 -2.06 8.22 9.93
CA MET A 357 -1.23 9.30 9.41
C MET A 357 -1.94 10.65 9.32
N GLU A 358 -3.22 10.64 8.98
CA GLU A 358 -3.97 11.88 8.97
C GLU A 358 -4.24 12.40 10.39
N SER A 359 -4.33 11.48 11.35
CA SER A 359 -4.51 11.87 12.75
C SER A 359 -3.23 12.42 13.35
N ASN A 360 -2.13 11.69 13.20
CA ASN A 360 -0.93 11.98 13.98
C ASN A 360 0.28 12.48 13.19
N GLY A 361 0.07 12.75 11.90
CA GLY A 361 1.07 13.43 11.10
C GLY A 361 0.96 14.93 11.36
N LYS A 362 1.45 15.34 12.52
CA LYS A 362 1.30 16.71 13.03
C LYS A 362 2.62 17.19 13.62
N TYR A 363 2.79 18.50 13.71
CA TYR A 363 4.00 19.04 14.36
C TYR A 363 3.82 20.20 15.34
N ILE A 364 2.58 20.60 15.57
CA ILE A 364 2.27 21.64 16.58
C ILE A 364 1.52 21.02 17.76
N THR A 365 1.96 21.37 18.98
CA THR A 365 1.29 20.87 20.19
C THR A 365 0.19 21.78 20.72
N LYS A 366 -0.54 21.27 21.72
CA LYS A 366 -1.58 22.00 22.40
C LYS A 366 -1.11 23.38 22.92
N SER A 367 0.15 23.46 23.32
CA SER A 367 0.73 24.69 23.86
C SER A 367 1.15 25.68 22.76
N GLY A 368 1.11 25.24 21.51
CA GLY A 368 1.53 26.05 20.38
C GLY A 368 2.99 25.83 20.02
N ALA A 369 3.67 24.96 20.77
CA ALA A 369 5.07 24.66 20.52
C ALA A 369 5.23 23.70 19.34
N ARG A 370 6.29 23.90 18.58
CA ARG A 370 6.68 22.92 17.57
C ARG A 370 7.30 21.73 18.26
N VAL A 371 6.88 20.52 17.87
CA VAL A 371 7.49 19.31 18.44
C VAL A 371 8.99 19.26 18.13
N ASP A 372 9.77 18.77 19.09
CA ASP A 372 11.19 18.52 18.91
C ASP A 372 11.45 17.03 19.04
N HIS A 373 10.46 16.25 18.61
CA HIS A 373 10.51 14.80 18.63
C HIS A 373 9.63 14.32 17.47
N GLN A 374 9.73 13.03 17.17
CA GLN A 374 8.91 12.41 16.13
C GLN A 374 7.45 12.30 16.56
N THR A 375 6.55 12.42 15.59
CA THR A 375 5.15 12.06 15.81
C THR A 375 4.79 10.84 14.97
N GLY A 376 3.60 10.85 14.36
CA GLY A 376 3.05 9.67 13.72
C GLY A 376 3.97 8.98 12.72
N PRO A 377 3.95 7.64 12.67
CA PRO A 377 4.79 6.90 11.73
C PRO A 377 4.12 6.77 10.36
N ILE A 378 4.90 6.36 9.37
CA ILE A 378 4.34 5.99 8.07
C ILE A 378 3.80 4.57 8.17
N VAL A 379 2.51 4.42 7.91
CA VAL A 379 1.83 3.13 8.03
C VAL A 379 1.72 2.52 6.64
N TRP A 380 2.03 1.24 6.54
CA TRP A 380 2.04 0.56 5.24
C TRP A 380 1.85 -0.95 5.42
N GLY A 381 1.68 -1.67 4.32
CA GLY A 381 1.55 -3.12 4.38
C GLY A 381 0.70 -3.71 3.27
N GLU A 382 0.86 -5.02 3.10
CA GLU A 382 0.04 -5.81 2.18
C GLU A 382 -0.30 -7.10 2.91
N PRO A 383 -1.41 -7.75 2.58
CA PRO A 383 -1.76 -8.99 3.26
C PRO A 383 -0.74 -10.12 3.04
N GLY A 384 -0.55 -10.96 4.07
CA GLY A 384 0.24 -12.17 3.93
C GLY A 384 -0.63 -13.26 3.31
N THR A 385 -0.05 -14.22 2.58
CA THR A 385 1.41 -14.42 2.50
C THR A 385 2.12 -13.63 1.40
N ASN A 386 1.35 -12.93 0.57
CA ASN A 386 1.91 -12.20 -0.57
C ASN A 386 3.09 -11.34 -0.19
N GLY A 387 2.98 -10.64 0.94
CA GLY A 387 4.05 -9.81 1.45
C GLY A 387 5.39 -10.51 1.53
N GLN A 388 5.38 -11.77 1.97
CA GLN A 388 6.58 -12.61 2.05
C GLN A 388 7.32 -12.74 0.73
N HIS A 389 6.57 -12.65 -0.36
CA HIS A 389 7.10 -12.81 -1.69
C HIS A 389 7.25 -11.47 -2.39
N ALA A 390 7.00 -10.39 -1.64
CA ALA A 390 7.21 -9.04 -2.16
C ALA A 390 8.35 -8.30 -1.44
N PHE A 391 8.15 -7.97 -0.16
CA PHE A 391 9.04 -7.04 0.54
C PHE A 391 9.64 -7.55 1.85
N TYR A 392 9.30 -8.76 2.25
CA TYR A 392 9.81 -9.29 3.52
C TYR A 392 11.33 -9.46 3.47
N GLN A 393 11.89 -9.56 2.25
CA GLN A 393 13.34 -9.59 2.08
C GLN A 393 14.00 -8.45 2.86
N LEU A 394 13.43 -7.25 2.72
CA LEU A 394 13.95 -6.07 3.38
C LEU A 394 13.70 -6.10 4.89
N ILE A 395 12.54 -6.61 5.30
CA ILE A 395 12.23 -6.72 6.72
C ILE A 395 13.24 -7.65 7.43
N HIS A 396 13.57 -8.77 6.78
CA HIS A 396 14.52 -9.74 7.34
C HIS A 396 15.99 -9.35 7.24
N GLN A 397 16.38 -8.72 6.12
CA GLN A 397 17.81 -8.55 5.80
C GLN A 397 18.19 -7.15 5.29
N GLY A 398 17.30 -6.18 5.48
CA GLY A 398 17.59 -4.81 5.13
C GLY A 398 18.28 -4.06 6.26
N THR A 399 18.29 -2.73 6.16
CA THR A 399 18.96 -1.91 7.17
C THR A 399 17.97 -1.05 7.97
N LYS A 400 16.70 -1.41 7.91
CA LYS A 400 15.63 -0.67 8.58
C LYS A 400 15.05 -1.50 9.71
N MET A 401 14.74 -0.84 10.83
CA MET A 401 13.96 -1.46 11.91
C MET A 401 12.49 -1.11 11.69
N ILE A 402 11.67 -2.15 11.58
CA ILE A 402 10.27 -1.99 11.16
C ILE A 402 9.35 -2.77 12.10
N PRO A 403 8.73 -2.09 13.05
CA PRO A 403 7.72 -2.73 13.89
C PRO A 403 6.57 -3.24 13.01
N CYS A 404 6.22 -4.51 13.15
CA CYS A 404 5.14 -5.10 12.37
C CYS A 404 4.04 -5.65 13.27
N ASP A 405 2.79 -5.38 12.89
CA ASP A 405 1.65 -6.08 13.46
C ASP A 405 1.16 -7.14 12.49
N PHE A 406 1.26 -8.40 12.92
CA PHE A 406 0.73 -9.55 12.17
C PHE A 406 -0.66 -9.88 12.72
N LEU A 407 -1.66 -9.96 11.83
CA LEU A 407 -3.04 -10.22 12.23
C LEU A 407 -3.60 -11.43 11.49
N ILE A 408 -4.38 -12.27 12.17
CA ILE A 408 -5.05 -13.41 11.51
C ILE A 408 -6.26 -13.91 12.29
N PRO A 409 -7.32 -14.32 11.60
CA PRO A 409 -8.39 -15.10 12.23
C PRO A 409 -8.04 -16.58 12.32
N VAL A 410 -8.37 -17.20 13.44
CA VAL A 410 -8.17 -18.63 13.62
C VAL A 410 -9.05 -19.41 12.64
N GLN A 411 -10.32 -19.00 12.55
CA GLN A 411 -11.29 -19.63 11.67
C GLN A 411 -11.40 -18.86 10.35
N THR A 412 -11.29 -19.57 9.24
CA THR A 412 -11.43 -18.97 7.92
C THR A 412 -12.89 -19.02 7.46
N GLN A 413 -13.28 -18.03 6.66
CA GLN A 413 -14.60 -18.01 6.04
C GLN A 413 -14.71 -19.06 4.91
N HIS A 414 -13.57 -19.59 4.48
CA HIS A 414 -13.53 -20.55 3.37
C HIS A 414 -12.63 -21.74 3.67
N PRO A 415 -13.10 -22.65 4.51
CA PRO A 415 -12.28 -23.80 4.93
C PRO A 415 -12.21 -24.88 3.85
N ILE A 416 -11.75 -24.48 2.67
CA ILE A 416 -11.66 -25.38 1.52
C ILE A 416 -10.57 -26.44 1.72
N ARG A 417 -10.66 -27.52 0.93
CA ARG A 417 -9.70 -28.64 1.01
C ARG A 417 -9.51 -29.12 2.45
N LYS A 418 -10.62 -29.24 3.18
CA LYS A 418 -10.62 -29.66 4.58
C LYS A 418 -9.68 -28.84 5.48
N GLY A 419 -9.53 -27.56 5.15
CA GLY A 419 -8.72 -26.64 5.94
C GLY A 419 -7.26 -26.55 5.56
N LEU A 420 -6.87 -27.15 4.43
CA LEU A 420 -5.47 -27.18 4.01
C LEU A 420 -4.87 -25.80 3.75
N HIS A 421 -5.61 -24.95 3.03
CA HIS A 421 -5.13 -23.59 2.77
C HIS A 421 -4.91 -22.81 4.06
N HIS A 422 -5.88 -22.89 4.98
CA HIS A 422 -5.77 -22.12 6.21
C HIS A 422 -4.66 -22.63 7.11
N LYS A 423 -4.45 -23.94 7.12
CA LYS A 423 -3.32 -24.55 7.82
C LYS A 423 -2.00 -23.93 7.37
N ILE A 424 -1.80 -23.86 6.06
CA ILE A 424 -0.59 -23.29 5.48
C ILE A 424 -0.48 -21.80 5.81
N LEU A 425 -1.61 -21.07 5.68
CA LEU A 425 -1.63 -19.65 6.01
C LEU A 425 -1.22 -19.39 7.47
N LEU A 426 -1.82 -20.16 8.39
CA LEU A 426 -1.47 -20.05 9.81
C LEU A 426 0.00 -20.37 10.06
N ALA A 427 0.49 -21.43 9.43
CA ALA A 427 1.89 -21.83 9.57
C ALA A 427 2.86 -20.71 9.20
N ASN A 428 2.55 -20.00 8.12
CA ASN A 428 3.37 -18.88 7.66
C ASN A 428 3.28 -17.67 8.59
N PHE A 429 2.06 -17.34 9.01
CA PHE A 429 1.81 -16.29 10.01
C PHE A 429 2.72 -16.49 11.23
N LEU A 430 2.75 -17.72 11.74
CA LEU A 430 3.49 -18.06 12.94
C LEU A 430 5.00 -18.08 12.71
N ALA A 431 5.41 -18.66 11.58
CA ALA A 431 6.82 -18.84 11.27
C ALA A 431 7.50 -17.50 11.03
N GLN A 432 6.79 -16.58 10.41
CA GLN A 432 7.42 -15.31 10.04
C GLN A 432 7.84 -14.51 11.25
N THR A 433 6.99 -14.45 12.27
CA THR A 433 7.34 -13.68 13.47
C THR A 433 8.37 -14.44 14.29
N GLU A 434 8.30 -15.77 14.24
CA GLU A 434 9.32 -16.61 14.85
C GLU A 434 10.67 -16.35 14.19
N ALA A 435 10.69 -16.32 12.86
CA ALA A 435 11.89 -16.05 12.09
C ALA A 435 12.47 -14.66 12.35
N LEU A 436 11.60 -13.65 12.36
CA LEU A 436 12.03 -12.26 12.62
C LEU A 436 12.66 -12.12 14.00
N MET A 437 12.12 -12.86 14.97
CA MET A 437 12.61 -12.86 16.34
C MET A 437 13.96 -13.59 16.43
N LYS A 438 13.99 -14.83 15.94
CA LYS A 438 15.11 -15.75 16.17
C LYS A 438 16.34 -15.41 15.34
N GLY A 439 16.11 -15.12 14.06
CA GLY A 439 17.17 -15.02 13.09
C GLY A 439 17.91 -16.34 12.89
N LYS A 440 19.11 -16.24 12.34
CA LYS A 440 19.97 -17.40 12.10
C LYS A 440 21.42 -16.99 12.24
N LEU A 441 22.07 -17.52 13.27
CA LEU A 441 23.47 -17.18 13.58
C LEU A 441 24.43 -17.71 12.51
N PRO A 442 25.56 -17.03 12.33
CA PRO A 442 26.61 -17.50 11.41
C PRO A 442 26.93 -18.99 11.59
N GLU A 443 27.06 -19.46 12.84
CA GLU A 443 27.37 -20.87 13.09
C GLU A 443 26.24 -21.79 12.66
N GLU A 444 25.00 -21.35 12.85
CA GLU A 444 23.82 -22.11 12.40
C GLU A 444 23.76 -22.20 10.88
N ALA A 445 24.00 -21.08 10.21
CA ALA A 445 24.06 -21.05 8.75
C ALA A 445 25.23 -21.88 8.22
N ARG A 446 26.37 -21.79 8.90
CA ARG A 446 27.55 -22.57 8.55
C ARG A 446 27.24 -24.08 8.52
N LYS A 447 26.59 -24.56 9.57
CA LYS A 447 26.23 -25.97 9.67
C LYS A 447 25.31 -26.41 8.53
N GLU A 448 24.36 -25.54 8.17
CA GLU A 448 23.44 -25.81 7.06
C GLU A 448 24.17 -25.92 5.72
N LEU A 449 25.11 -25.01 5.48
CA LEU A 449 25.90 -25.01 4.24
C LEU A 449 26.83 -26.22 4.20
N GLN A 450 27.41 -26.56 5.34
CA GLN A 450 28.25 -27.76 5.46
C GLN A 450 27.46 -29.03 5.14
N ALA A 451 26.26 -29.14 5.70
CA ALA A 451 25.37 -30.27 5.45
C ALA A 451 24.90 -30.34 3.99
N ALA A 452 24.84 -29.18 3.34
CA ALA A 452 24.43 -29.10 1.93
C ALA A 452 25.52 -29.58 0.98
N GLY A 453 26.75 -29.69 1.50
CA GLY A 453 27.87 -30.20 0.72
C GLY A 453 28.70 -29.12 0.03
N LYS A 454 28.65 -27.91 0.56
CA LYS A 454 29.41 -26.80 -0.01
C LYS A 454 30.89 -26.94 0.35
N SER A 455 31.75 -26.69 -0.65
CA SER A 455 33.19 -26.67 -0.43
C SER A 455 33.57 -25.50 0.49
N PRO A 456 34.68 -25.61 1.23
CA PRO A 456 35.13 -24.52 2.09
C PRO A 456 35.07 -23.16 1.41
N GLU A 457 35.40 -23.12 0.12
CA GLU A 457 35.39 -21.90 -0.68
C GLU A 457 33.97 -21.35 -0.89
N ASP A 458 33.08 -22.23 -1.37
CA ASP A 458 31.70 -21.86 -1.64
C ASP A 458 30.94 -21.49 -0.37
N LEU A 459 31.21 -22.23 0.71
CA LEU A 459 30.63 -21.97 2.02
C LEU A 459 30.98 -20.57 2.49
N GLU A 460 32.28 -20.24 2.49
CA GLU A 460 32.78 -18.94 2.93
C GLU A 460 32.23 -17.79 2.09
N LYS A 461 32.07 -18.04 0.80
CA LYS A 461 31.53 -17.04 -0.12
C LYS A 461 30.06 -16.75 0.15
N LEU A 462 29.31 -17.80 0.50
CA LEU A 462 27.87 -17.71 0.69
C LEU A 462 27.46 -17.33 2.10
N LEU A 463 28.29 -17.71 3.08
CA LEU A 463 27.92 -17.63 4.51
C LEU A 463 27.25 -16.32 4.96
N PRO A 464 27.91 -15.16 4.80
CA PRO A 464 27.38 -13.91 5.37
C PRO A 464 26.00 -13.57 4.80
N HIS A 465 25.75 -13.90 3.54
CA HIS A 465 24.47 -13.67 2.87
C HIS A 465 23.32 -14.51 3.44
N LYS A 466 23.66 -15.62 4.09
CA LYS A 466 22.68 -16.55 4.65
C LYS A 466 22.35 -16.26 6.12
N VAL A 467 23.04 -15.29 6.70
CA VAL A 467 22.87 -14.95 8.11
C VAL A 467 21.64 -14.06 8.28
N PHE A 468 20.82 -14.38 9.26
CA PHE A 468 19.70 -13.54 9.65
C PHE A 468 19.97 -12.99 11.02
N GLU A 469 20.16 -11.68 11.12
CA GLU A 469 20.49 -11.04 12.40
C GLU A 469 19.35 -11.11 13.41
N GLY A 470 18.12 -11.23 12.91
CA GLY A 470 16.95 -11.34 13.77
C GLY A 470 16.77 -10.17 14.72
N ASN A 471 16.25 -10.46 15.91
CA ASN A 471 15.90 -9.45 16.89
C ASN A 471 14.91 -8.41 16.36
N ARG A 472 14.08 -8.84 15.41
CA ARG A 472 13.11 -7.96 14.78
C ARG A 472 11.75 -8.13 15.43
N PRO A 473 11.29 -7.09 16.13
CA PRO A 473 10.11 -7.19 16.98
C PRO A 473 8.78 -7.11 16.25
N THR A 474 7.84 -7.94 16.68
CA THR A 474 6.49 -7.97 16.12
C THR A 474 5.41 -8.06 17.20
N ASN A 475 4.21 -7.64 16.83
CA ASN A 475 2.99 -7.97 17.56
C ASN A 475 2.27 -9.04 16.75
N SER A 476 1.67 -10.00 17.46
CA SER A 476 0.76 -10.97 16.83
C SER A 476 -0.62 -10.78 17.42
N ILE A 477 -1.58 -10.48 16.54
CA ILE A 477 -2.95 -10.25 16.95
C ILE A 477 -3.82 -11.30 16.29
N VAL A 478 -4.32 -12.21 17.11
CA VAL A 478 -5.06 -13.39 16.63
C VAL A 478 -6.47 -13.37 17.24
N PHE A 479 -7.46 -13.65 16.41
CA PHE A 479 -8.85 -13.55 16.83
C PHE A 479 -9.65 -14.75 16.31
N THR A 480 -10.71 -15.11 17.04
CA THR A 480 -11.43 -16.35 16.75
C THR A 480 -11.85 -16.45 15.27
N LYS A 481 -12.46 -15.39 14.77
CA LYS A 481 -12.97 -15.32 13.40
C LYS A 481 -13.15 -13.86 13.05
N LEU A 482 -12.97 -13.51 11.79
CA LEU A 482 -13.26 -12.14 11.37
C LEU A 482 -14.75 -11.95 11.05
N THR A 483 -15.54 -11.83 12.13
CA THR A 483 -16.97 -11.52 12.05
C THR A 483 -17.13 -10.00 12.03
N PRO A 484 -18.32 -9.49 11.71
CA PRO A 484 -18.58 -8.07 11.85
C PRO A 484 -18.23 -7.54 13.25
N PHE A 485 -18.67 -8.26 14.30
CA PHE A 485 -18.33 -7.88 15.67
C PHE A 485 -16.84 -7.76 15.91
N ILE A 486 -16.08 -8.79 15.55
CA ILE A 486 -14.64 -8.80 15.79
C ILE A 486 -13.91 -7.73 14.98
N LEU A 487 -14.34 -7.53 13.72
CA LEU A 487 -13.78 -6.45 12.91
C LEU A 487 -14.00 -5.09 13.58
N GLY A 488 -15.20 -4.88 14.09
CA GLY A 488 -15.53 -3.64 14.79
C GLY A 488 -14.62 -3.39 15.98
N ALA A 489 -14.40 -4.44 16.78
CA ALA A 489 -13.49 -4.39 17.91
C ALA A 489 -12.06 -4.06 17.49
N LEU A 490 -11.60 -4.66 16.40
CA LEU A 490 -10.23 -4.46 15.92
C LEU A 490 -9.99 -3.04 15.40
N ILE A 491 -10.97 -2.50 14.67
CA ILE A 491 -10.84 -1.14 14.16
C ILE A 491 -10.81 -0.15 15.33
N ALA A 492 -11.74 -0.31 16.27
CA ALA A 492 -11.79 0.55 17.44
C ALA A 492 -10.49 0.47 18.25
N MET A 493 -9.91 -0.73 18.34
CA MET A 493 -8.64 -0.91 19.07
C MET A 493 -7.54 -0.01 18.51
N TYR A 494 -7.38 0.01 17.19
CA TYR A 494 -6.41 0.88 16.54
C TYR A 494 -6.79 2.34 16.64
N GLU A 495 -8.08 2.66 16.57
CA GLU A 495 -8.52 4.05 16.78
C GLU A 495 -8.00 4.55 18.13
N HIS A 496 -8.15 3.73 19.16
CA HIS A 496 -7.75 4.15 20.50
C HIS A 496 -6.23 4.18 20.70
N LYS A 497 -5.52 3.29 20.01
CA LYS A 497 -4.07 3.32 19.96
C LYS A 497 -3.65 4.70 19.46
N ILE A 498 -4.25 5.10 18.34
CA ILE A 498 -3.94 6.38 17.69
C ILE A 498 -4.23 7.54 18.65
N PHE A 499 -5.35 7.45 19.37
CA PHE A 499 -5.72 8.46 20.36
C PHE A 499 -4.65 8.60 21.44
N VAL A 500 -4.23 7.47 22.02
CA VAL A 500 -3.25 7.48 23.11
C VAL A 500 -1.92 8.08 22.65
N GLN A 501 -1.46 7.71 21.46
CA GLN A 501 -0.20 8.26 20.96
C GLN A 501 -0.28 9.78 20.78
N GLY A 502 -1.41 10.25 20.25
CA GLY A 502 -1.66 11.65 20.05
C GLY A 502 -1.61 12.44 21.35
N ILE A 503 -2.24 11.91 22.40
CA ILE A 503 -2.23 12.57 23.71
C ILE A 503 -0.82 12.65 24.27
N MET A 504 -0.09 11.55 24.15
CA MET A 504 1.28 11.50 24.64
C MET A 504 2.21 12.48 23.91
N TRP A 505 1.98 12.66 22.61
CA TRP A 505 2.73 13.65 21.83
C TRP A 505 2.23 15.08 22.01
N ASP A 506 1.10 15.24 22.70
CA ASP A 506 0.47 16.54 22.96
C ASP A 506 -0.03 17.23 21.68
N ILE A 507 -0.38 16.42 20.68
CA ILE A 507 -0.89 16.94 19.41
C ILE A 507 -2.40 16.73 19.30
N ASN A 508 -3.00 17.38 18.30
CA ASN A 508 -4.42 17.21 18.03
C ASN A 508 -4.59 16.11 17.00
N SER A 509 -5.07 14.95 17.44
CA SER A 509 -5.28 13.81 16.53
C SER A 509 -6.47 14.01 15.61
N PHE A 510 -7.24 15.08 15.82
CA PHE A 510 -8.57 15.17 15.22
C PHE A 510 -8.83 16.29 14.23
N ASP A 511 -7.83 17.14 13.99
CA ASP A 511 -7.91 18.09 12.89
C ASP A 511 -7.09 17.61 11.70
N GLN A 512 -7.05 18.40 10.62
CA GLN A 512 -6.28 18.04 9.43
C GLN A 512 -6.03 19.27 8.58
N TRP A 513 -5.25 20.21 9.12
CA TRP A 513 -5.03 21.48 8.43
C TRP A 513 -4.20 21.31 7.16
N GLY A 514 -3.45 20.23 7.07
CA GLY A 514 -2.74 19.87 5.85
C GLY A 514 -3.70 19.43 4.75
N VAL A 515 -4.76 18.73 5.14
CA VAL A 515 -5.79 18.24 4.22
C VAL A 515 -6.66 19.41 3.74
N GLU A 516 -6.98 20.29 4.68
CA GLU A 516 -7.75 21.50 4.39
C GLU A 516 -7.03 22.41 3.39
N LEU A 517 -5.69 22.49 3.49
CA LEU A 517 -4.93 23.28 2.53
C LEU A 517 -5.08 22.69 1.15
N GLY A 518 -5.01 21.35 1.07
CA GLY A 518 -5.10 20.64 -0.20
C GLY A 518 -6.31 21.10 -0.99
N LYS A 519 -7.46 21.08 -0.31
CA LYS A 519 -8.74 21.51 -0.88
C LYS A 519 -8.77 23.00 -1.31
N GLN A 520 -7.67 23.71 -1.09
CA GLN A 520 -7.55 25.13 -1.46
C GLN A 520 -6.49 25.32 -2.57
N LEU A 521 -5.90 24.22 -3.02
CA LEU A 521 -4.67 24.26 -3.84
C LEU A 521 -4.81 24.29 -5.36
N ALA A 522 -5.62 23.40 -5.90
CA ALA A 522 -5.65 23.20 -7.34
C ALA A 522 -6.44 24.30 -8.07
N LYS A 523 -7.16 25.10 -7.28
CA LYS A 523 -8.09 26.10 -7.80
C LYS A 523 -7.42 27.14 -8.69
N LYS A 524 -6.20 27.54 -8.32
CA LYS A 524 -5.47 28.54 -9.09
C LYS A 524 -4.92 27.99 -10.42
N ILE A 525 -4.54 26.72 -10.43
CA ILE A 525 -3.97 26.11 -11.63
C ILE A 525 -5.01 25.71 -12.67
N GLU A 526 -6.21 25.35 -12.20
CA GLU A 526 -7.27 24.84 -13.08
C GLU A 526 -7.52 25.65 -14.37
N PRO A 527 -7.81 26.94 -14.25
CA PRO A 527 -8.07 27.78 -15.43
C PRO A 527 -6.84 28.04 -16.31
N GLU A 528 -5.65 27.86 -15.74
CA GLU A 528 -4.41 28.11 -16.47
C GLU A 528 -4.08 27.00 -17.46
N LEU A 529 -4.73 25.85 -17.30
CA LEU A 529 -4.52 24.71 -18.19
C LEU A 529 -5.27 24.88 -19.50
N GLU A 530 -6.40 25.57 -19.45
CA GLU A 530 -7.22 25.86 -20.63
C GLU A 530 -6.50 26.89 -21.51
N GLY A 531 -6.47 26.63 -22.81
CA GLY A 531 -5.83 27.52 -23.76
C GLY A 531 -4.41 27.11 -24.10
N SER A 532 -3.84 27.76 -25.11
CA SER A 532 -2.51 27.41 -25.60
C SER A 532 -1.42 28.33 -25.06
N SER A 533 -1.82 29.38 -24.33
CA SER A 533 -0.89 30.39 -23.83
C SER A 533 0.05 29.86 -22.75
N ALA A 534 1.29 30.37 -22.75
CA ALA A 534 2.30 29.94 -21.79
C ALA A 534 2.01 30.50 -20.40
N VAL A 535 2.19 29.65 -19.39
CA VAL A 535 2.02 30.06 -18.01
C VAL A 535 3.38 30.40 -17.40
N THR A 536 3.47 31.58 -16.81
CA THR A 536 4.72 32.07 -16.21
C THR A 536 4.51 32.52 -14.77
N SER A 537 3.33 32.21 -14.23
CA SER A 537 2.90 32.71 -12.93
C SER A 537 3.50 31.99 -11.72
N HIS A 538 4.07 30.80 -11.95
CA HIS A 538 4.58 29.98 -10.84
C HIS A 538 6.10 29.88 -10.88
N ASP A 539 6.66 29.04 -10.02
CA ASP A 539 8.07 28.65 -10.10
C ASP A 539 8.30 27.97 -11.44
N SER A 540 9.56 27.90 -11.88
CA SER A 540 9.85 27.35 -13.21
C SER A 540 9.47 25.89 -13.42
N SER A 541 9.45 25.09 -12.34
CA SER A 541 9.02 23.68 -12.46
C SER A 541 7.54 23.60 -12.78
N THR A 542 6.70 24.22 -11.96
CA THR A 542 5.26 24.27 -12.20
C THR A 542 4.96 24.83 -13.60
N ASN A 543 5.59 25.95 -13.96
CA ASN A 543 5.46 26.48 -15.31
C ASN A 543 5.88 25.47 -16.39
N GLY A 544 7.03 24.83 -16.18
CA GLY A 544 7.59 23.89 -17.13
C GLY A 544 6.70 22.67 -17.33
N LEU A 545 6.15 22.16 -16.23
CA LEU A 545 5.23 21.03 -16.27
C LEU A 545 3.95 21.40 -17.00
N ILE A 546 3.44 22.61 -16.75
CA ILE A 546 2.25 23.10 -17.44
C ILE A 546 2.53 23.22 -18.94
N SER A 547 3.72 23.72 -19.29
CA SER A 547 4.11 23.84 -20.71
C SER A 547 4.14 22.47 -21.40
N PHE A 548 4.65 21.46 -20.69
CA PHE A 548 4.70 20.09 -21.17
C PHE A 548 3.29 19.54 -21.43
N ILE A 549 2.38 19.77 -20.46
CA ILE A 549 1.00 19.32 -20.61
C ILE A 549 0.37 19.95 -21.86
N LYS A 550 0.57 21.26 -22.03
CA LYS A 550 -0.01 21.95 -23.17
C LYS A 550 0.57 21.46 -24.50
N GLN A 551 1.88 21.19 -24.51
CA GLN A 551 2.57 20.73 -25.73
C GLN A 551 2.17 19.30 -26.11
N GLN A 552 1.90 18.46 -25.11
CA GLN A 552 1.74 17.02 -25.33
C GLN A 552 0.29 16.53 -25.47
N ARG A 553 -0.67 17.39 -25.14
CA ARG A 553 -2.06 16.93 -25.04
C ARG A 553 -2.80 16.67 -26.37
N ASP A 554 -2.22 17.11 -27.49
CA ASP A 554 -2.82 16.89 -28.81
C ASP A 554 -2.08 15.85 -29.66
N THR A 555 -0.99 15.29 -29.12
CA THR A 555 -0.21 14.29 -29.83
C THR A 555 -1.00 12.99 -29.99
N LYS A 556 -0.91 12.39 -31.17
CA LYS A 556 -1.71 11.21 -31.51
C LYS A 556 -1.01 9.89 -31.16
N LEU A 557 -1.51 9.23 -30.11
CA LEU A 557 -1.10 7.88 -29.74
C LEU A 557 -2.31 7.06 -29.30
N MET B 1 35.07 -0.89 7.15
CA MET B 1 33.78 -0.38 6.62
C MET B 1 33.35 -1.14 5.38
N ALA B 2 32.64 -0.45 4.49
CA ALA B 2 32.13 -1.04 3.27
C ALA B 2 32.60 -0.20 2.09
N ALA B 3 32.42 -0.71 0.88
CA ALA B 3 32.89 -0.03 -0.33
C ALA B 3 32.37 1.41 -0.47
N LEU B 4 31.09 1.62 -0.19
CA LEU B 4 30.51 2.94 -0.38
C LEU B 4 31.09 3.97 0.57
N THR B 5 31.16 3.62 1.85
CA THR B 5 31.61 4.55 2.87
C THR B 5 33.12 4.82 2.81
N ARG B 6 33.85 3.90 2.19
CA ARG B 6 35.30 4.03 1.99
C ARG B 6 35.63 4.83 0.74
N ASN B 7 34.61 5.14 -0.05
CA ASN B 7 34.78 5.87 -1.29
C ASN B 7 34.94 7.37 -1.02
N PRO B 8 35.98 7.99 -1.58
CA PRO B 8 36.26 9.42 -1.33
C PRO B 8 35.21 10.37 -1.92
N GLN B 9 34.58 10.02 -3.03
CA GLN B 9 33.48 10.83 -3.57
C GLN B 9 32.26 10.79 -2.64
N PHE B 10 32.01 9.65 -2.00
CA PHE B 10 30.94 9.58 -1.01
C PHE B 10 31.28 10.38 0.23
N GLN B 11 32.53 10.28 0.68
CA GLN B 11 32.98 11.01 1.87
C GLN B 11 32.85 12.51 1.67
N LYS B 12 33.25 12.98 0.48
CA LYS B 12 33.09 14.38 0.09
C LYS B 12 31.63 14.81 0.09
N LEU B 13 30.77 13.97 -0.47
CA LEU B 13 29.33 14.24 -0.54
C LEU B 13 28.71 14.38 0.85
N LEU B 14 29.00 13.41 1.72
CA LEU B 14 28.52 13.40 3.09
C LEU B 14 29.03 14.63 3.86
N GLU B 15 30.30 14.97 3.68
CA GLU B 15 30.87 16.15 4.33
C GLU B 15 30.21 17.44 3.83
N TRP B 16 29.94 17.52 2.53
CA TRP B 16 29.24 18.66 1.95
C TRP B 16 27.84 18.80 2.53
N HIS B 17 27.15 17.66 2.65
CA HIS B 17 25.81 17.63 3.25
C HIS B 17 25.85 18.16 4.69
N ARG B 18 26.81 17.67 5.46
CA ARG B 18 26.98 18.09 6.86
C ARG B 18 27.15 19.60 6.98
N ALA B 19 27.98 20.17 6.11
CA ALA B 19 28.30 21.60 6.16
C ALA B 19 27.23 22.50 5.54
N ASN B 20 26.54 22.02 4.52
CA ASN B 20 25.76 22.90 3.64
C ASN B 20 24.26 22.62 3.48
N SER B 21 23.82 21.41 3.78
CA SER B 21 22.43 21.03 3.47
C SER B 21 21.38 21.92 4.12
N ALA B 22 21.69 22.46 5.30
CA ALA B 22 20.81 23.42 5.98
C ALA B 22 20.61 24.72 5.19
N ASN B 23 21.51 24.99 4.24
CA ASN B 23 21.39 26.18 3.39
C ASN B 23 20.49 25.93 2.19
N LEU B 24 20.18 24.65 1.94
CA LEU B 24 19.35 24.29 0.80
C LEU B 24 17.88 24.50 1.11
N LYS B 25 17.29 25.44 0.40
CA LYS B 25 15.86 25.71 0.50
C LYS B 25 15.30 25.80 -0.90
N LEU B 26 14.30 24.98 -1.19
CA LEU B 26 13.72 24.90 -2.54
C LEU B 26 13.26 26.25 -3.06
N ARG B 27 12.57 27.00 -2.21
CA ARG B 27 12.10 28.35 -2.53
C ARG B 27 13.22 29.22 -3.10
N GLU B 28 14.35 29.26 -2.38
CA GLU B 28 15.49 30.08 -2.72
C GLU B 28 16.20 29.59 -3.98
N LEU B 29 16.30 28.28 -4.13
CA LEU B 29 16.92 27.68 -5.31
C LEU B 29 16.22 28.11 -6.60
N PHE B 30 14.88 28.09 -6.59
CA PHE B 30 14.11 28.50 -7.76
C PHE B 30 14.17 30.00 -8.00
N GLU B 31 14.15 30.77 -6.92
CA GLU B 31 14.19 32.24 -7.03
C GLU B 31 15.52 32.72 -7.57
N ALA B 32 16.59 32.01 -7.23
CA ALA B 32 17.96 32.40 -7.61
C ALA B 32 18.33 32.08 -9.05
N ASP B 33 17.53 31.21 -9.70
CA ASP B 33 17.91 30.63 -10.99
C ASP B 33 16.66 30.30 -11.82
N PRO B 34 16.28 31.18 -12.76
CA PRO B 34 15.06 30.97 -13.55
C PRO B 34 15.21 29.81 -14.53
N GLU B 35 16.45 29.36 -14.75
CA GLU B 35 16.72 28.22 -15.62
C GLU B 35 16.69 26.89 -14.85
N ARG B 36 16.23 26.91 -13.60
CA ARG B 36 16.28 25.72 -12.75
C ARG B 36 15.53 24.53 -13.35
N PHE B 37 14.28 24.73 -13.75
CA PHE B 37 13.53 23.64 -14.40
C PHE B 37 14.29 23.13 -15.62
N ASN B 38 14.79 24.04 -16.46
CA ASN B 38 15.53 23.66 -17.65
C ASN B 38 16.78 22.82 -17.38
N ASN B 39 17.50 23.18 -16.32
CA ASN B 39 18.76 22.50 -15.97
C ASN B 39 18.59 21.24 -15.13
N PHE B 40 17.39 21.07 -14.54
CA PHE B 40 17.15 19.95 -13.62
C PHE B 40 15.94 19.12 -14.06
N SER B 41 15.81 18.93 -15.37
CA SER B 41 14.78 18.06 -15.92
C SER B 41 15.26 17.44 -17.23
N LEU B 42 14.64 16.32 -17.58
CA LEU B 42 14.95 15.62 -18.82
C LEU B 42 13.67 15.37 -19.57
N ASN B 43 13.56 15.95 -20.76
CA ASN B 43 12.43 15.72 -21.65
C ASN B 43 12.81 14.68 -22.69
N LEU B 44 12.44 13.43 -22.42
CA LEU B 44 12.80 12.31 -23.28
C LEU B 44 11.81 12.14 -24.42
N ASN B 45 12.31 12.17 -25.65
CA ASN B 45 11.49 11.84 -26.81
C ASN B 45 11.74 10.41 -27.27
N THR B 46 10.74 9.55 -27.06
CA THR B 46 10.87 8.13 -27.39
C THR B 46 10.44 7.82 -28.83
N ASN B 47 9.94 8.85 -29.52
CA ASN B 47 9.26 8.72 -30.82
C ASN B 47 7.89 8.03 -30.72
N HIS B 48 7.50 7.68 -29.50
CA HIS B 48 6.18 7.12 -29.23
C HIS B 48 5.60 7.78 -27.99
N GLY B 49 5.91 9.05 -27.84
CA GLY B 49 5.48 9.85 -26.70
C GLY B 49 6.67 10.39 -25.95
N HIS B 50 6.46 11.44 -25.17
CA HIS B 50 7.51 12.04 -24.38
C HIS B 50 7.38 11.61 -22.91
N ILE B 51 8.53 11.45 -22.25
CA ILE B 51 8.56 11.26 -20.81
C ILE B 51 9.41 12.38 -20.22
N LEU B 52 8.76 13.27 -19.47
CA LEU B 52 9.46 14.35 -18.78
C LEU B 52 9.77 13.92 -17.35
N VAL B 53 11.05 13.89 -17.03
CA VAL B 53 11.49 13.57 -15.68
C VAL B 53 11.96 14.88 -15.07
N ASP B 54 11.07 15.48 -14.29
CA ASP B 54 11.34 16.76 -13.65
C ASP B 54 11.85 16.53 -12.24
N TYR B 55 13.14 16.72 -12.03
CA TYR B 55 13.72 16.53 -10.71
C TYR B 55 14.16 17.85 -10.07
N SER B 56 13.59 18.94 -10.56
CA SER B 56 13.99 20.28 -10.13
C SER B 56 13.53 20.64 -8.71
N LYS B 57 12.42 20.06 -8.27
CA LYS B 57 11.95 20.33 -6.91
C LYS B 57 12.66 19.45 -5.88
N ASN B 58 13.94 19.23 -6.11
CA ASN B 58 14.77 18.46 -5.18
C ASN B 58 15.79 19.34 -4.47
N LEU B 59 16.20 18.91 -3.28
CA LEU B 59 17.17 19.66 -2.48
C LEU B 59 18.60 19.41 -2.99
N VAL B 60 18.84 19.88 -4.21
CA VAL B 60 20.13 19.72 -4.87
C VAL B 60 20.51 20.99 -5.62
N SER B 61 21.81 21.27 -5.64
CA SER B 61 22.38 22.32 -6.49
C SER B 61 23.15 21.65 -7.61
N LYS B 62 23.59 22.44 -8.58
CA LYS B 62 24.46 21.95 -9.65
C LYS B 62 25.63 21.17 -9.06
N GLU B 63 26.23 21.71 -7.99
CA GLU B 63 27.38 21.10 -7.35
C GLU B 63 27.06 19.73 -6.74
N VAL B 64 25.88 19.63 -6.11
CA VAL B 64 25.45 18.34 -5.54
C VAL B 64 25.27 17.28 -6.63
N MET B 65 24.65 17.66 -7.74
CA MET B 65 24.43 16.73 -8.84
C MET B 65 25.76 16.27 -9.43
N GLN B 66 26.71 17.19 -9.53
CA GLN B 66 28.06 16.88 -10.02
C GLN B 66 28.73 15.86 -9.11
N MET B 67 28.63 16.07 -7.79
CA MET B 67 29.21 15.14 -6.82
C MET B 67 28.56 13.77 -6.90
N LEU B 68 27.23 13.76 -7.11
CA LEU B 68 26.49 12.52 -7.20
C LEU B 68 26.89 11.73 -8.44
N VAL B 69 27.00 12.41 -9.57
CA VAL B 69 27.42 11.78 -10.83
C VAL B 69 28.85 11.22 -10.71
N GLU B 70 29.74 11.98 -10.07
CA GLU B 70 31.11 11.51 -9.84
C GLU B 70 31.15 10.24 -8.98
N LEU B 71 30.25 10.16 -8.00
CA LEU B 71 30.15 8.98 -7.15
C LEU B 71 29.65 7.76 -7.94
N ALA B 72 28.64 7.96 -8.79
CA ALA B 72 28.16 6.86 -9.63
C ALA B 72 29.33 6.30 -10.45
N LYS B 73 30.11 7.20 -11.04
CA LYS B 73 31.27 6.79 -11.85
C LYS B 73 32.30 6.06 -11.01
N SER B 74 32.62 6.62 -9.84
CA SER B 74 33.66 6.01 -8.99
C SER B 74 33.18 4.79 -8.20
N ARG B 75 31.88 4.45 -8.34
CA ARG B 75 31.37 3.20 -7.77
C ARG B 75 31.22 2.12 -8.86
N GLY B 76 31.60 2.46 -10.08
CA GLY B 76 31.67 1.50 -11.18
C GLY B 76 30.36 1.25 -11.91
N VAL B 77 29.44 2.20 -11.82
CA VAL B 77 28.10 2.06 -12.41
C VAL B 77 28.16 1.77 -13.91
N GLU B 78 28.99 2.53 -14.63
CA GLU B 78 29.08 2.37 -16.09
C GLU B 78 29.55 0.97 -16.50
N ALA B 79 30.60 0.48 -15.84
CA ALA B 79 31.13 -0.85 -16.09
C ALA B 79 30.14 -1.95 -15.69
N ALA B 80 29.50 -1.76 -14.54
CA ALA B 80 28.53 -2.73 -14.02
C ALA B 80 27.33 -2.88 -14.96
N ARG B 81 26.87 -1.74 -15.47
CA ARG B 81 25.76 -1.71 -16.44
C ARG B 81 26.11 -2.54 -17.67
N ASP B 82 27.27 -2.25 -18.25
CA ASP B 82 27.75 -2.97 -19.43
C ASP B 82 27.84 -4.48 -19.19
N ASN B 83 28.31 -4.87 -18.00
CA ASN B 83 28.40 -6.27 -17.62
C ASN B 83 27.02 -6.95 -17.54
N MET B 84 26.02 -6.23 -17.04
CA MET B 84 24.65 -6.76 -17.04
C MET B 84 24.21 -7.03 -18.48
N PHE B 85 24.37 -6.03 -19.34
CA PHE B 85 23.87 -6.07 -20.71
C PHE B 85 24.58 -7.12 -21.55
N SER B 86 25.81 -7.44 -21.19
CA SER B 86 26.62 -8.37 -21.98
C SER B 86 26.48 -9.83 -21.52
N GLY B 87 25.72 -10.05 -20.45
CA GLY B 87 25.50 -11.40 -19.94
C GLY B 87 26.53 -11.90 -18.93
N SER B 88 27.31 -11.00 -18.35
CA SER B 88 28.21 -11.37 -17.24
C SER B 88 27.37 -11.85 -16.07
N LYS B 89 27.91 -12.80 -15.31
CA LYS B 89 27.18 -13.38 -14.19
C LYS B 89 27.23 -12.50 -12.94
N ILE B 90 26.59 -11.32 -13.06
CA ILE B 90 26.66 -10.28 -12.02
C ILE B 90 25.84 -10.61 -10.77
N ASN B 91 24.96 -11.60 -10.87
CA ASN B 91 24.31 -12.16 -9.69
C ASN B 91 25.29 -13.16 -9.07
N TYR B 92 26.22 -12.63 -8.30
CA TYR B 92 27.39 -13.40 -7.88
C TYR B 92 27.15 -14.47 -6.82
N THR B 93 26.15 -14.26 -5.95
CA THR B 93 25.86 -15.25 -4.91
C THR B 93 25.23 -16.52 -5.49
N GLU B 94 24.56 -16.38 -6.63
CA GLU B 94 23.91 -17.51 -7.29
C GLU B 94 24.64 -17.93 -8.57
N ASP B 95 25.64 -17.13 -8.96
CA ASP B 95 26.41 -17.31 -10.20
C ASP B 95 25.52 -17.38 -11.44
N ARG B 96 24.72 -16.33 -11.61
CA ARG B 96 23.78 -16.23 -12.73
C ARG B 96 23.95 -14.90 -13.44
N ALA B 97 23.67 -14.92 -14.74
CA ALA B 97 23.53 -13.67 -15.50
C ALA B 97 22.25 -12.97 -15.02
N VAL B 98 22.08 -11.71 -15.43
CA VAL B 98 20.90 -10.93 -15.07
C VAL B 98 20.44 -10.30 -16.37
N LEU B 99 19.45 -10.91 -17.00
CA LEU B 99 19.16 -10.58 -18.39
C LEU B 99 17.69 -10.35 -18.73
N HIS B 100 16.98 -9.62 -17.87
CA HIS B 100 15.65 -9.16 -18.25
C HIS B 100 15.72 -8.26 -19.49
N VAL B 101 16.85 -7.58 -19.69
CA VAL B 101 17.01 -6.75 -20.89
C VAL B 101 17.02 -7.57 -22.19
N ALA B 102 17.41 -8.84 -22.09
CA ALA B 102 17.38 -9.76 -23.24
C ALA B 102 15.96 -10.11 -23.67
N LEU B 103 15.06 -10.22 -22.69
CA LEU B 103 13.66 -10.57 -22.96
C LEU B 103 12.98 -9.59 -23.90
N ARG B 104 13.37 -8.32 -23.81
CA ARG B 104 12.79 -7.23 -24.61
C ARG B 104 13.81 -6.64 -25.60
N ASN B 105 14.86 -7.39 -25.89
CA ASN B 105 15.88 -6.96 -26.84
C ASN B 105 15.35 -7.01 -28.28
N ARG B 106 14.59 -5.97 -28.65
CA ARG B 106 13.90 -5.93 -29.95
C ARG B 106 14.85 -5.86 -31.13
N SER B 107 16.06 -5.34 -30.89
CA SER B 107 17.08 -5.19 -31.93
C SER B 107 17.64 -6.54 -32.37
N ASN B 108 17.52 -7.54 -31.49
CA ASN B 108 18.01 -8.90 -31.70
C ASN B 108 19.53 -9.02 -31.79
N THR B 109 20.24 -7.96 -31.38
CA THR B 109 21.68 -8.03 -31.21
C THR B 109 22.01 -9.17 -30.24
N PRO B 110 22.91 -10.07 -30.64
CA PRO B 110 23.27 -11.22 -29.80
C PRO B 110 23.66 -10.84 -28.37
N ILE B 111 23.13 -11.59 -27.42
CA ILE B 111 23.54 -11.50 -26.01
C ILE B 111 23.89 -12.90 -25.54
N LYS B 112 25.16 -13.12 -25.25
CA LYS B 112 25.66 -14.45 -24.93
C LYS B 112 25.72 -14.74 -23.43
N VAL B 113 25.28 -15.94 -23.07
CA VAL B 113 25.52 -16.52 -21.76
C VAL B 113 26.23 -17.86 -21.99
N ASP B 114 27.41 -18.02 -21.40
CA ASP B 114 28.26 -19.18 -21.65
C ASP B 114 28.54 -19.38 -23.14
N GLY B 115 28.88 -18.29 -23.83
CA GLY B 115 29.23 -18.32 -25.23
C GLY B 115 28.06 -18.47 -26.21
N LYS B 116 26.86 -18.68 -25.68
CA LYS B 116 25.68 -18.93 -26.50
C LYS B 116 24.66 -17.80 -26.48
N ASP B 117 24.29 -17.33 -27.68
CA ASP B 117 23.31 -16.27 -27.86
C ASP B 117 21.94 -16.72 -27.34
N VAL B 118 21.39 -15.94 -26.40
CA VAL B 118 20.12 -16.28 -25.75
C VAL B 118 18.91 -15.85 -26.58
N MET B 119 19.14 -15.00 -27.57
CA MET B 119 18.04 -14.40 -28.32
C MET B 119 17.15 -15.41 -29.09
N PRO B 120 17.72 -16.39 -29.78
CA PRO B 120 16.89 -17.44 -30.41
C PRO B 120 15.85 -18.06 -29.47
N GLU B 121 16.25 -18.47 -28.27
CA GLU B 121 15.31 -19.08 -27.32
C GLU B 121 14.31 -18.07 -26.75
N VAL B 122 14.75 -16.84 -26.53
CA VAL B 122 13.85 -15.74 -26.16
C VAL B 122 12.75 -15.59 -27.21
N ASN B 123 13.17 -15.49 -28.46
CA ASN B 123 12.26 -15.29 -29.58
C ASN B 123 11.38 -16.50 -29.88
N ARG B 124 11.91 -17.70 -29.65
CA ARG B 124 11.13 -18.93 -29.83
C ARG B 124 9.93 -18.95 -28.87
N VAL B 125 10.18 -18.65 -27.60
CA VAL B 125 9.12 -18.62 -26.58
C VAL B 125 8.13 -17.49 -26.87
N LEU B 126 8.63 -16.33 -27.32
CA LEU B 126 7.73 -15.24 -27.73
C LEU B 126 6.81 -15.65 -28.89
N ASP B 127 7.37 -16.36 -29.86
CA ASP B 127 6.58 -16.92 -30.97
C ASP B 127 5.49 -17.87 -30.48
N LYS B 128 5.85 -18.75 -29.55
CA LYS B 128 4.92 -19.67 -28.91
C LYS B 128 3.79 -18.93 -28.18
N MET B 129 4.17 -17.89 -27.42
CA MET B 129 3.17 -17.04 -26.76
C MET B 129 2.20 -16.41 -27.76
N LYS B 130 2.74 -15.84 -28.84
CA LYS B 130 1.93 -15.22 -29.89
C LYS B 130 0.90 -16.20 -30.48
N SER B 131 1.36 -17.41 -30.81
CA SER B 131 0.51 -18.45 -31.37
C SER B 131 -0.62 -18.83 -30.41
N PHE B 132 -0.25 -19.06 -29.14
CA PHE B 132 -1.22 -19.37 -28.08
C PHE B 132 -2.24 -18.24 -27.91
N CYS B 133 -1.77 -17.00 -27.98
CA CYS B 133 -2.65 -15.84 -27.90
C CYS B 133 -3.67 -15.81 -29.05
N GLN B 134 -3.22 -16.11 -30.27
CA GLN B 134 -4.13 -16.23 -31.41
C GLN B 134 -5.18 -17.30 -31.13
N ARG B 135 -4.75 -18.48 -30.69
CA ARG B 135 -5.65 -19.61 -30.45
C ARG B 135 -6.73 -19.27 -29.42
N VAL B 136 -6.33 -18.64 -28.32
CA VAL B 136 -7.27 -18.35 -27.24
C VAL B 136 -8.18 -17.18 -27.59
N ARG B 137 -7.59 -16.06 -28.01
CA ARG B 137 -8.35 -14.83 -28.29
C ARG B 137 -9.35 -14.96 -29.44
N SER B 138 -9.02 -15.78 -30.44
CA SER B 138 -9.88 -15.99 -31.60
C SER B 138 -11.08 -16.86 -31.26
N GLY B 139 -10.96 -17.61 -30.16
CA GLY B 139 -11.96 -18.59 -29.79
C GLY B 139 -11.69 -19.96 -30.37
N ASP B 140 -10.61 -20.11 -31.14
CA ASP B 140 -10.27 -21.40 -31.74
C ASP B 140 -9.91 -22.45 -30.71
N TRP B 141 -9.25 -22.03 -29.63
CA TRP B 141 -8.95 -22.91 -28.51
C TRP B 141 -10.23 -23.20 -27.74
N LYS B 142 -10.65 -24.47 -27.74
CA LYS B 142 -11.90 -24.84 -27.08
C LYS B 142 -11.69 -25.51 -25.73
N GLY B 143 -12.64 -25.28 -24.82
CA GLY B 143 -12.68 -25.98 -23.55
C GLY B 143 -13.23 -27.38 -23.75
N TYR B 144 -13.34 -28.13 -22.65
CA TYR B 144 -13.72 -29.54 -22.71
C TYR B 144 -15.13 -29.83 -23.28
N THR B 145 -16.02 -28.84 -23.23
CA THR B 145 -17.34 -28.95 -23.85
C THR B 145 -17.45 -28.26 -25.22
N GLY B 146 -16.31 -27.81 -25.75
CA GLY B 146 -16.23 -27.24 -27.07
C GLY B 146 -16.50 -25.74 -27.17
N LYS B 147 -16.43 -25.05 -26.04
CA LYS B 147 -16.73 -23.62 -25.97
C LYS B 147 -15.46 -22.79 -25.93
N SER B 148 -15.54 -21.57 -26.45
CA SER B 148 -14.44 -20.61 -26.42
C SER B 148 -14.13 -20.18 -24.98
N ILE B 149 -12.85 -19.90 -24.72
CA ILE B 149 -12.42 -19.45 -23.40
C ILE B 149 -12.82 -18.00 -23.16
N THR B 150 -13.39 -17.72 -21.99
CA THR B 150 -13.84 -16.36 -21.68
C THR B 150 -13.05 -15.76 -20.53
N ASP B 151 -12.40 -16.62 -19.75
CA ASP B 151 -11.73 -16.23 -18.51
C ASP B 151 -10.37 -16.87 -18.40
N ILE B 152 -9.35 -16.06 -18.09
CA ILE B 152 -8.00 -16.54 -17.85
C ILE B 152 -7.69 -16.34 -16.37
N ILE B 153 -7.14 -17.36 -15.72
CA ILE B 153 -6.80 -17.25 -14.30
C ILE B 153 -5.32 -17.53 -14.10
N ASN B 154 -4.57 -16.48 -13.77
CA ASN B 154 -3.18 -16.63 -13.41
C ASN B 154 -3.08 -17.05 -11.96
N ILE B 155 -2.32 -18.12 -11.74
CA ILE B 155 -2.04 -18.57 -10.39
C ILE B 155 -0.54 -18.49 -10.19
N GLY B 156 -0.13 -17.70 -9.22
CA GLY B 156 1.27 -17.43 -8.97
C GLY B 156 1.39 -16.49 -7.78
N ILE B 157 2.60 -16.36 -7.26
CA ILE B 157 2.83 -15.44 -6.13
C ILE B 157 4.10 -14.62 -6.38
N GLY B 158 4.16 -13.45 -5.74
CA GLY B 158 5.30 -12.56 -5.87
C GLY B 158 5.55 -12.17 -7.31
N GLY B 159 6.75 -12.47 -7.80
CA GLY B 159 7.13 -12.15 -9.16
C GLY B 159 6.28 -12.81 -10.23
N SER B 160 5.59 -13.89 -9.86
CA SER B 160 4.72 -14.59 -10.80
C SER B 160 3.29 -14.07 -10.77
N ASP B 161 3.08 -12.98 -10.02
CA ASP B 161 1.76 -12.41 -9.81
C ASP B 161 1.72 -10.89 -10.03
N LEU B 162 2.57 -10.16 -9.32
CA LEU B 162 2.48 -8.69 -9.27
C LEU B 162 2.62 -7.95 -10.60
N GLY B 163 3.58 -8.37 -11.44
CA GLY B 163 3.77 -7.77 -12.75
C GLY B 163 2.57 -7.93 -13.66
N PRO B 164 2.18 -9.18 -13.92
CA PRO B 164 0.97 -9.44 -14.71
C PRO B 164 -0.26 -8.71 -14.18
N LEU B 165 -0.49 -8.74 -12.86
CA LEU B 165 -1.62 -8.01 -12.28
C LEU B 165 -1.51 -6.51 -12.52
N MET B 166 -0.36 -5.92 -12.18
CA MET B 166 -0.21 -4.48 -12.30
C MET B 166 -0.37 -3.99 -13.74
N VAL B 167 0.23 -4.73 -14.68
CA VAL B 167 0.23 -4.33 -16.08
C VAL B 167 -1.15 -4.48 -16.73
N THR B 168 -1.81 -5.60 -16.47
CA THR B 168 -3.18 -5.76 -17.01
C THR B 168 -4.13 -4.72 -16.42
N GLU B 169 -3.93 -4.35 -15.16
CA GLU B 169 -4.72 -3.28 -14.56
C GLU B 169 -4.42 -1.96 -15.26
N ALA B 170 -3.13 -1.68 -15.46
CA ALA B 170 -2.70 -0.42 -16.05
C ALA B 170 -3.13 -0.27 -17.52
N LEU B 171 -3.25 -1.40 -18.22
CA LEU B 171 -3.50 -1.38 -19.65
C LEU B 171 -4.89 -1.88 -19.99
N LYS B 172 -5.79 -1.80 -19.00
CA LYS B 172 -7.17 -2.25 -19.18
C LYS B 172 -7.86 -1.75 -20.47
N PRO B 173 -7.68 -0.48 -20.85
CA PRO B 173 -8.32 0.03 -22.08
C PRO B 173 -7.85 -0.66 -23.36
N TYR B 174 -6.76 -1.43 -23.27
CA TYR B 174 -6.21 -2.09 -24.45
C TYR B 174 -6.64 -3.55 -24.58
N SER B 175 -7.64 -3.93 -23.77
CA SER B 175 -8.08 -5.32 -23.64
C SER B 175 -9.38 -5.69 -24.39
N LYS B 176 -9.83 -4.83 -25.29
CA LYS B 176 -11.00 -5.13 -26.13
C LYS B 176 -10.72 -6.38 -26.97
N GLY B 177 -11.64 -7.34 -26.92
CA GLY B 177 -11.50 -8.58 -27.66
C GLY B 177 -10.70 -9.63 -26.92
N GLY B 178 -10.25 -9.29 -25.71
CA GLY B 178 -9.50 -10.20 -24.88
C GLY B 178 -10.37 -10.84 -23.82
N PRO B 179 -9.95 -12.01 -23.33
CA PRO B 179 -10.67 -12.68 -22.24
C PRO B 179 -10.47 -11.90 -20.94
N ARG B 180 -11.41 -12.03 -20.01
CA ARG B 180 -11.25 -11.47 -18.67
C ARG B 180 -10.06 -12.16 -18.01
N VAL B 181 -9.33 -11.41 -17.19
CA VAL B 181 -8.19 -11.95 -16.48
C VAL B 181 -8.40 -11.85 -14.97
N TRP B 182 -8.04 -12.93 -14.28
CA TRP B 182 -8.14 -13.05 -12.83
C TRP B 182 -6.79 -13.45 -12.28
N PHE B 183 -6.45 -12.95 -11.10
CA PHE B 183 -5.17 -13.27 -10.48
C PHE B 183 -5.37 -13.86 -9.10
N VAL B 184 -4.93 -15.10 -8.95
CA VAL B 184 -4.97 -15.80 -7.67
C VAL B 184 -3.53 -15.91 -7.19
N SER B 185 -3.28 -15.53 -5.95
CA SER B 185 -1.91 -15.48 -5.43
C SER B 185 -1.77 -15.93 -3.99
N ASN B 186 -2.63 -15.41 -3.10
CA ASN B 186 -2.57 -15.78 -1.70
C ASN B 186 -2.87 -17.26 -1.49
N ILE B 187 -2.18 -17.89 -0.55
CA ILE B 187 -2.57 -19.24 -0.14
C ILE B 187 -3.90 -19.23 0.61
N ASP B 188 -4.18 -18.11 1.27
CA ASP B 188 -5.46 -17.92 1.92
C ASP B 188 -6.55 -18.40 0.97
N GLY B 189 -7.30 -19.41 1.39
CA GLY B 189 -8.27 -20.09 0.53
C GLY B 189 -9.39 -19.18 0.07
N THR B 190 -9.55 -18.05 0.76
CA THR B 190 -10.46 -17.01 0.31
C THR B 190 -10.17 -16.60 -1.13
N HIS B 191 -8.89 -16.51 -1.50
CA HIS B 191 -8.50 -15.97 -2.80
C HIS B 191 -9.00 -16.85 -3.94
N ILE B 192 -8.62 -18.13 -3.92
CA ILE B 192 -9.08 -19.04 -4.96
C ILE B 192 -10.59 -19.28 -4.88
N ALA B 193 -11.12 -19.41 -3.67
CA ALA B 193 -12.54 -19.72 -3.48
C ALA B 193 -13.44 -18.65 -4.08
N LYS B 194 -13.15 -17.39 -3.79
CA LYS B 194 -13.94 -16.28 -4.33
C LYS B 194 -13.77 -16.13 -5.84
N THR B 195 -12.58 -16.46 -6.35
CA THR B 195 -12.32 -16.43 -7.78
C THR B 195 -13.14 -17.48 -8.51
N LEU B 196 -13.05 -18.74 -8.06
CA LEU B 196 -13.74 -19.85 -8.71
C LEU B 196 -15.26 -19.73 -8.64
N ALA B 197 -15.77 -19.10 -7.59
CA ALA B 197 -17.22 -18.94 -7.40
C ALA B 197 -17.91 -18.30 -8.60
N SER B 198 -17.21 -17.40 -9.28
CA SER B 198 -17.78 -16.64 -10.40
C SER B 198 -17.29 -17.15 -11.77
N LEU B 199 -16.86 -18.41 -11.81
CA LEU B 199 -16.30 -18.98 -13.04
C LEU B 199 -16.97 -20.28 -13.46
N SER B 200 -16.94 -20.56 -14.75
CA SER B 200 -17.36 -21.84 -15.30
C SER B 200 -16.16 -22.67 -15.71
N PRO B 201 -16.08 -23.92 -15.26
CA PRO B 201 -15.02 -24.85 -15.68
C PRO B 201 -14.95 -25.03 -17.19
N GLU B 202 -16.07 -24.79 -17.87
CA GLU B 202 -16.17 -24.97 -19.32
C GLU B 202 -15.41 -23.92 -20.12
N THR B 203 -15.24 -22.73 -19.54
CA THR B 203 -14.73 -21.59 -20.30
C THR B 203 -13.57 -20.89 -19.59
N SER B 204 -13.00 -21.54 -18.59
CA SER B 204 -11.91 -20.97 -17.83
C SER B 204 -10.59 -21.68 -18.10
N LEU B 205 -9.55 -20.90 -18.37
CA LEU B 205 -8.21 -21.45 -18.56
C LEU B 205 -7.27 -20.92 -17.49
N PHE B 206 -6.58 -21.85 -16.82
CA PHE B 206 -5.67 -21.52 -15.74
C PHE B 206 -4.23 -21.48 -16.23
N ILE B 207 -3.51 -20.45 -15.81
CA ILE B 207 -2.09 -20.29 -16.12
C ILE B 207 -1.33 -20.48 -14.82
N ILE B 208 -0.56 -21.57 -14.72
CA ILE B 208 0.20 -21.84 -13.50
C ILE B 208 1.60 -21.25 -13.65
N ALA B 209 1.84 -20.16 -12.91
CA ALA B 209 3.05 -19.36 -13.08
C ALA B 209 4.00 -19.58 -11.92
N SER B 210 5.13 -20.23 -12.19
CA SER B 210 6.12 -20.50 -11.14
C SER B 210 7.49 -20.75 -11.76
N LYS B 211 8.44 -19.87 -11.45
CA LYS B 211 9.83 -20.04 -11.88
C LYS B 211 10.34 -21.42 -11.47
N THR B 212 10.21 -21.73 -10.18
CA THR B 212 10.71 -22.98 -9.62
C THR B 212 9.72 -24.13 -9.83
N PHE B 213 8.43 -23.80 -9.88
CA PHE B 213 7.33 -24.78 -9.89
C PHE B 213 7.27 -25.64 -8.62
N THR B 214 7.74 -25.08 -7.50
CA THR B 214 7.72 -25.78 -6.22
C THR B 214 7.10 -24.94 -5.10
N THR B 215 6.92 -23.64 -5.37
CA THR B 215 6.34 -22.74 -4.38
C THR B 215 5.04 -23.35 -3.88
N GLN B 216 5.00 -23.59 -2.58
CA GLN B 216 3.88 -24.28 -1.95
C GLN B 216 2.56 -23.59 -2.24
N GLU B 217 2.55 -22.26 -2.12
CA GLU B 217 1.37 -21.43 -2.37
C GLU B 217 0.77 -21.70 -3.74
N THR B 218 1.59 -21.56 -4.77
CA THR B 218 1.16 -21.67 -6.15
C THR B 218 0.71 -23.08 -6.51
N ILE B 219 1.49 -24.08 -6.10
CA ILE B 219 1.15 -25.47 -6.41
C ILE B 219 -0.14 -25.91 -5.69
N THR B 220 -0.28 -25.51 -4.43
CA THR B 220 -1.49 -25.83 -3.68
C THR B 220 -2.71 -25.19 -4.34
N ASN B 221 -2.60 -23.91 -4.69
CA ASN B 221 -3.66 -23.20 -5.39
C ASN B 221 -3.98 -23.89 -6.72
N ALA B 222 -2.93 -24.27 -7.44
CA ALA B 222 -3.08 -24.97 -8.72
C ALA B 222 -3.81 -26.30 -8.56
N GLU B 223 -3.47 -27.05 -7.53
CA GLU B 223 -4.09 -28.35 -7.28
C GLU B 223 -5.54 -28.20 -6.84
N THR B 224 -5.84 -27.12 -6.11
CA THR B 224 -7.22 -26.78 -5.76
C THR B 224 -8.05 -26.44 -7.01
N ALA B 225 -7.46 -25.68 -7.92
CA ALA B 225 -8.11 -25.34 -9.18
C ALA B 225 -8.41 -26.60 -10.02
N LYS B 226 -7.44 -27.51 -10.05
CA LYS B 226 -7.58 -28.76 -10.80
C LYS B 226 -8.67 -29.66 -10.22
N GLU B 227 -8.75 -29.71 -8.89
CA GLU B 227 -9.78 -30.50 -8.21
C GLU B 227 -11.18 -29.98 -8.54
N TRP B 228 -11.33 -28.65 -8.50
CA TRP B 228 -12.57 -27.97 -8.84
C TRP B 228 -12.94 -28.23 -10.31
N PHE B 229 -11.94 -28.13 -11.18
CA PHE B 229 -12.15 -28.39 -12.61
C PHE B 229 -12.60 -29.83 -12.88
N LEU B 230 -11.90 -30.79 -12.26
CA LEU B 230 -12.17 -32.21 -12.51
C LEU B 230 -13.49 -32.69 -11.92
N GLU B 231 -13.99 -31.99 -10.91
CA GLU B 231 -15.33 -32.27 -10.38
C GLU B 231 -16.38 -32.14 -11.48
N ALA B 232 -16.20 -31.12 -12.33
CA ALA B 232 -17.11 -30.86 -13.43
C ALA B 232 -16.79 -31.70 -14.68
N ALA B 233 -15.52 -31.76 -15.05
CA ALA B 233 -15.10 -32.42 -16.29
C ALA B 233 -15.03 -33.94 -16.20
N LYS B 234 -14.74 -34.45 -15.01
CA LYS B 234 -14.74 -35.90 -14.73
C LYS B 234 -13.82 -36.70 -15.68
N ASP B 235 -12.83 -36.01 -16.25
CA ASP B 235 -11.94 -36.62 -17.25
C ASP B 235 -10.55 -35.97 -17.17
N PRO B 236 -9.58 -36.72 -16.64
CA PRO B 236 -8.20 -36.21 -16.47
C PRO B 236 -7.55 -35.72 -17.77
N SER B 237 -7.99 -36.24 -18.91
CA SER B 237 -7.46 -35.81 -20.21
C SER B 237 -7.91 -34.40 -20.61
N ALA B 238 -8.97 -33.91 -19.97
CA ALA B 238 -9.50 -32.56 -20.24
C ALA B 238 -8.64 -31.46 -19.62
N VAL B 239 -7.78 -31.82 -18.66
CA VAL B 239 -6.91 -30.87 -17.96
C VAL B 239 -6.03 -30.09 -18.95
N ALA B 240 -5.57 -30.77 -19.99
CA ALA B 240 -4.69 -30.18 -21.01
C ALA B 240 -5.35 -29.03 -21.80
N LYS B 241 -6.68 -28.97 -21.74
CA LYS B 241 -7.42 -27.92 -22.44
C LYS B 241 -7.59 -26.69 -21.56
N HIS B 242 -7.31 -26.82 -20.27
CA HIS B 242 -7.66 -25.79 -19.30
C HIS B 242 -6.52 -25.36 -18.38
N PHE B 243 -5.36 -26.00 -18.52
CA PHE B 243 -4.20 -25.66 -17.70
C PHE B 243 -2.96 -25.54 -18.57
N VAL B 244 -2.25 -24.43 -18.42
CA VAL B 244 -0.92 -24.25 -19.04
C VAL B 244 0.07 -23.81 -17.96
N ALA B 245 1.36 -23.95 -18.25
CA ALA B 245 2.40 -23.67 -17.27
C ALA B 245 3.41 -22.66 -17.77
N LEU B 246 3.85 -21.77 -16.88
CA LEU B 246 4.97 -20.89 -17.12
C LEU B 246 6.09 -21.35 -16.19
N SER B 247 6.95 -22.24 -16.71
CA SER B 247 8.04 -22.88 -15.96
C SER B 247 8.93 -23.74 -16.87
N THR B 248 9.84 -24.52 -16.27
CA THR B 248 10.76 -25.39 -17.00
C THR B 248 10.68 -26.87 -16.57
N ASN B 249 9.91 -27.14 -15.53
CA ASN B 249 9.79 -28.49 -14.99
C ASN B 249 8.90 -29.39 -15.83
N THR B 250 9.43 -29.83 -16.98
CA THR B 250 8.67 -30.62 -17.95
C THR B 250 7.97 -31.85 -17.35
N ALA B 251 8.66 -32.56 -16.45
CA ALA B 251 8.11 -33.74 -15.79
C ALA B 251 6.91 -33.40 -14.90
N LYS B 252 7.09 -32.47 -13.96
CA LYS B 252 6.04 -32.07 -13.03
C LYS B 252 4.85 -31.43 -13.76
N VAL B 253 5.14 -30.69 -14.82
CA VAL B 253 4.12 -30.08 -15.67
C VAL B 253 3.27 -31.16 -16.35
N LYS B 254 3.93 -32.17 -16.92
CA LYS B 254 3.26 -33.31 -17.52
C LYS B 254 2.51 -34.14 -16.48
N GLU B 255 3.12 -34.30 -15.30
CA GLU B 255 2.53 -35.03 -14.19
C GLU B 255 1.28 -34.34 -13.66
N PHE B 256 1.27 -33.01 -13.73
CA PHE B 256 0.12 -32.20 -13.36
C PHE B 256 -1.06 -32.46 -14.30
N GLY B 257 -0.75 -32.78 -15.56
CA GLY B 257 -1.76 -33.03 -16.57
C GLY B 257 -1.72 -32.02 -17.70
N ILE B 258 -0.70 -31.17 -17.68
CA ILE B 258 -0.52 -30.15 -18.70
C ILE B 258 0.31 -30.70 -19.86
N ASP B 259 -0.23 -30.58 -21.07
CA ASP B 259 0.50 -30.85 -22.29
C ASP B 259 1.86 -30.12 -22.25
N PRO B 260 2.96 -30.86 -22.40
CA PRO B 260 4.30 -30.27 -22.46
C PRO B 260 4.44 -29.21 -23.57
N GLN B 261 3.59 -29.31 -24.60
CA GLN B 261 3.50 -28.29 -25.65
C GLN B 261 2.99 -26.96 -25.11
N ASN B 262 2.33 -27.01 -23.95
CA ASN B 262 1.82 -25.82 -23.29
C ASN B 262 2.58 -25.44 -22.02
N MET B 263 3.88 -25.69 -22.06
CA MET B 263 4.80 -25.14 -21.09
C MET B 263 5.57 -24.00 -21.77
N PHE B 264 5.47 -22.81 -21.20
CA PHE B 264 6.11 -21.63 -21.76
C PHE B 264 7.32 -21.32 -20.91
N GLU B 265 8.51 -21.51 -21.48
CA GLU B 265 9.75 -21.53 -20.72
C GLU B 265 10.36 -20.16 -20.49
N PHE B 266 11.01 -20.00 -19.34
CA PHE B 266 11.97 -18.92 -19.15
C PHE B 266 13.22 -19.44 -18.43
N TRP B 267 14.13 -18.54 -18.06
CA TRP B 267 15.50 -18.97 -17.73
C TRP B 267 15.98 -18.42 -16.39
N ASP B 268 17.02 -19.04 -15.82
CA ASP B 268 17.48 -18.66 -14.48
C ASP B 268 17.92 -17.20 -14.35
N TRP B 269 18.28 -16.59 -15.48
CA TRP B 269 18.72 -15.19 -15.49
C TRP B 269 17.57 -14.18 -15.59
N VAL B 270 16.35 -14.71 -15.52
CA VAL B 270 15.14 -13.91 -15.35
C VAL B 270 14.73 -13.96 -13.88
N GLY B 271 15.03 -12.89 -13.14
CA GLY B 271 14.58 -12.80 -11.76
C GLY B 271 13.07 -12.65 -11.73
N GLY B 272 12.43 -13.25 -10.72
CA GLY B 272 10.98 -13.22 -10.61
C GLY B 272 10.42 -11.81 -10.66
N ARG B 273 11.02 -10.91 -9.88
CA ARG B 273 10.59 -9.51 -9.84
C ARG B 273 11.00 -8.72 -11.10
N TYR B 274 11.61 -9.40 -12.06
CA TYR B 274 11.96 -8.82 -13.37
C TYR B 274 11.41 -9.69 -14.52
N SER B 275 10.34 -10.45 -14.24
CA SER B 275 9.89 -11.51 -15.14
C SER B 275 8.68 -11.23 -16.04
N LEU B 276 7.99 -10.11 -15.85
CA LEU B 276 6.76 -9.86 -16.63
C LEU B 276 7.01 -9.81 -18.14
N TRP B 277 8.27 -9.55 -18.51
CA TRP B 277 8.70 -9.43 -19.91
C TRP B 277 8.90 -10.79 -20.59
N SER B 278 8.90 -11.85 -19.78
CA SER B 278 9.15 -13.21 -20.25
C SER B 278 7.82 -13.93 -20.47
N ALA B 279 7.87 -15.26 -20.54
CA ALA B 279 6.68 -16.12 -20.50
C ALA B 279 5.71 -15.76 -19.36
N ILE B 280 6.25 -15.26 -18.25
CA ILE B 280 5.42 -14.83 -17.11
C ILE B 280 4.36 -13.79 -17.52
N GLY B 281 4.65 -13.03 -18.55
CA GLY B 281 3.70 -12.05 -19.07
C GLY B 281 2.63 -12.62 -20.00
N LEU B 282 2.46 -13.93 -20.04
CA LEU B 282 1.43 -14.53 -20.92
C LEU B 282 0.03 -13.98 -20.67
N SER B 283 -0.37 -13.84 -19.40
CA SER B 283 -1.69 -13.27 -19.08
C SER B 283 -1.84 -11.86 -19.62
N ILE B 284 -0.75 -11.09 -19.64
CA ILE B 284 -0.77 -9.75 -20.24
C ILE B 284 -1.07 -9.84 -21.72
N ALA B 285 -0.29 -10.65 -22.43
CA ALA B 285 -0.45 -10.83 -23.87
C ALA B 285 -1.82 -11.36 -24.25
N LEU B 286 -2.36 -12.28 -23.46
CA LEU B 286 -3.71 -12.80 -23.69
C LEU B 286 -4.74 -11.70 -23.54
N HIS B 287 -4.56 -10.87 -22.52
CA HIS B 287 -5.56 -9.87 -22.15
C HIS B 287 -5.58 -8.69 -23.13
N VAL B 288 -4.42 -8.15 -23.45
CA VAL B 288 -4.35 -6.98 -24.33
C VAL B 288 -3.90 -7.28 -25.77
N GLY B 289 -3.56 -8.54 -26.06
CA GLY B 289 -3.10 -8.92 -27.38
C GLY B 289 -1.60 -8.89 -27.50
N PHE B 290 -1.06 -9.76 -28.34
CA PHE B 290 0.40 -9.84 -28.51
C PHE B 290 1.04 -8.58 -29.08
N ASP B 291 0.35 -7.89 -30.00
CA ASP B 291 0.85 -6.63 -30.54
C ASP B 291 1.14 -5.64 -29.41
N HIS B 292 0.18 -5.48 -28.51
CA HIS B 292 0.34 -4.59 -27.36
C HIS B 292 1.44 -5.08 -26.40
N PHE B 293 1.56 -6.39 -26.24
CA PHE B 293 2.64 -6.96 -25.46
C PHE B 293 4.02 -6.61 -26.05
N GLU B 294 4.13 -6.70 -27.38
CA GLU B 294 5.37 -6.30 -28.07
C GLU B 294 5.67 -4.82 -27.87
N GLN B 295 4.63 -4.00 -27.86
CA GLN B 295 4.79 -2.56 -27.64
C GLN B 295 5.32 -2.31 -26.24
N LEU B 296 4.79 -3.04 -25.25
CA LEU B 296 5.28 -3.01 -23.88
C LEU B 296 6.77 -3.35 -23.86
N LEU B 297 7.15 -4.43 -24.52
CA LEU B 297 8.56 -4.82 -24.59
C LEU B 297 9.41 -3.74 -25.26
N SER B 298 8.89 -3.15 -26.34
CA SER B 298 9.63 -2.12 -27.09
C SER B 298 9.88 -0.85 -26.29
N GLY B 299 8.93 -0.50 -25.42
CA GLY B 299 9.10 0.65 -24.53
C GLY B 299 10.22 0.39 -23.54
N ALA B 300 10.25 -0.82 -22.99
CA ALA B 300 11.33 -1.22 -22.09
C ALA B 300 12.66 -1.19 -22.84
N HIS B 301 12.65 -1.67 -24.08
CA HIS B 301 13.86 -1.69 -24.89
C HIS B 301 14.38 -0.27 -25.14
N TRP B 302 13.47 0.65 -25.42
CA TRP B 302 13.86 2.04 -25.60
C TRP B 302 14.60 2.56 -24.36
N MET B 303 14.02 2.30 -23.19
CA MET B 303 14.62 2.76 -21.94
C MET B 303 15.95 2.06 -21.63
N ASP B 304 16.06 0.79 -22.00
CA ASP B 304 17.31 0.05 -21.86
C ASP B 304 18.41 0.74 -22.65
N GLN B 305 18.08 1.11 -23.88
CA GLN B 305 19.02 1.80 -24.76
C GLN B 305 19.36 3.19 -24.24
N HIS B 306 18.36 3.91 -23.71
CA HIS B 306 18.61 5.19 -23.08
C HIS B 306 19.61 5.03 -21.93
N PHE B 307 19.40 4.01 -21.10
CA PHE B 307 20.24 3.74 -19.94
C PHE B 307 21.65 3.37 -20.39
N LEU B 308 21.73 2.56 -21.45
CA LEU B 308 23.02 2.08 -21.94
C LEU B 308 23.88 3.16 -22.61
N LYS B 309 23.25 4.05 -23.37
CA LYS B 309 23.95 4.97 -24.26
C LYS B 309 24.17 6.39 -23.73
N THR B 310 23.40 6.79 -22.72
CA THR B 310 23.38 8.18 -22.28
C THR B 310 24.43 8.48 -21.20
N PRO B 311 25.16 9.57 -21.38
CA PRO B 311 26.09 10.07 -20.35
C PRO B 311 25.35 10.20 -19.03
N LEU B 312 25.99 9.79 -17.93
CA LEU B 312 25.32 9.66 -16.64
C LEU B 312 24.57 10.91 -16.18
N GLU B 313 25.13 12.08 -16.46
CA GLU B 313 24.57 13.36 -16.02
C GLU B 313 23.21 13.71 -16.63
N LYS B 314 22.85 13.04 -17.73
CA LYS B 314 21.55 13.21 -18.39
C LYS B 314 20.81 11.89 -18.55
N ASN B 315 21.16 10.91 -17.71
CA ASN B 315 20.64 9.54 -17.79
C ASN B 315 19.53 9.35 -16.75
N ALA B 316 18.29 9.21 -17.22
CA ALA B 316 17.10 9.24 -16.35
C ALA B 316 17.14 8.29 -15.14
N PRO B 317 17.30 6.97 -15.35
CA PRO B 317 17.37 6.06 -14.20
C PRO B 317 18.53 6.34 -13.27
N VAL B 318 19.67 6.77 -13.83
CA VAL B 318 20.82 7.15 -13.01
C VAL B 318 20.50 8.35 -12.10
N LEU B 319 19.91 9.38 -12.68
CA LEU B 319 19.59 10.57 -11.89
C LEU B 319 18.57 10.26 -10.79
N LEU B 320 17.56 9.43 -11.11
CA LEU B 320 16.59 9.02 -10.09
C LEU B 320 17.28 8.23 -8.97
N ALA B 321 18.20 7.35 -9.37
CA ALA B 321 19.01 6.58 -8.43
C ALA B 321 19.83 7.47 -7.50
N LEU B 322 20.47 8.48 -8.09
CA LEU B 322 21.36 9.38 -7.36
C LEU B 322 20.61 10.27 -6.35
N LEU B 323 19.42 10.73 -6.74
CA LEU B 323 18.61 11.50 -5.82
C LEU B 323 18.22 10.63 -4.61
N GLY B 324 17.93 9.37 -4.87
CA GLY B 324 17.61 8.42 -3.82
C GLY B 324 18.78 8.19 -2.87
N ILE B 325 19.99 8.03 -3.42
CA ILE B 325 21.20 7.89 -2.61
C ILE B 325 21.35 9.10 -1.68
N TRP B 326 21.17 10.29 -2.25
CA TRP B 326 21.25 11.56 -1.54
C TRP B 326 20.29 11.56 -0.35
N TYR B 327 19.03 11.18 -0.57
CA TYR B 327 18.04 11.20 0.50
C TYR B 327 18.22 10.05 1.49
N ILE B 328 18.69 8.90 1.00
CA ILE B 328 18.87 7.73 1.86
C ILE B 328 20.15 7.85 2.69
N ASN B 329 21.28 8.01 2.01
CA ASN B 329 22.57 7.94 2.67
C ASN B 329 23.04 9.25 3.28
N CYS B 330 22.48 10.37 2.84
CA CYS B 330 22.84 11.66 3.41
C CYS B 330 21.79 12.23 4.36
N TYR B 331 20.52 12.23 3.94
CA TYR B 331 19.42 12.72 4.79
C TYR B 331 18.83 11.66 5.72
N GLY B 332 19.05 10.38 5.40
CA GLY B 332 18.60 9.28 6.23
C GLY B 332 17.10 8.97 6.13
N CYS B 333 16.50 9.29 4.99
CA CYS B 333 15.08 9.01 4.75
C CYS B 333 14.84 7.51 4.55
N GLU B 334 13.97 6.94 5.38
CA GLU B 334 13.68 5.50 5.32
C GLU B 334 12.84 5.12 4.12
N THR B 335 11.99 6.04 3.66
CA THR B 335 10.97 5.67 2.68
C THR B 335 11.03 6.42 1.35
N HIS B 336 10.35 5.85 0.37
CA HIS B 336 10.21 6.46 -0.94
C HIS B 336 8.76 6.24 -1.36
N ALA B 337 8.04 7.33 -1.62
CA ALA B 337 6.63 7.24 -1.95
C ALA B 337 6.42 7.34 -3.46
N LEU B 338 5.60 6.44 -3.99
CA LEU B 338 5.23 6.43 -5.40
C LEU B 338 3.76 6.78 -5.51
N LEU B 339 3.49 7.92 -6.13
CA LEU B 339 2.14 8.50 -6.14
C LEU B 339 1.64 8.79 -7.55
N PRO B 340 1.16 7.75 -8.23
CA PRO B 340 0.64 7.94 -9.59
C PRO B 340 -0.74 8.57 -9.56
N TYR B 341 -0.92 9.66 -10.31
CA TYR B 341 -2.23 10.30 -10.42
C TYR B 341 -3.01 9.62 -11.53
N ASP B 342 -3.33 8.35 -11.29
CA ASP B 342 -3.85 7.48 -12.32
C ASP B 342 -4.42 6.21 -11.67
N GLN B 343 -5.73 6.05 -11.76
CA GLN B 343 -6.42 4.88 -11.21
C GLN B 343 -5.94 3.56 -11.85
N TYR B 344 -5.70 3.57 -13.16
CA TYR B 344 -5.21 2.36 -13.82
C TYR B 344 -3.88 1.89 -13.22
N MET B 345 -3.08 2.85 -12.74
CA MET B 345 -1.78 2.54 -12.12
C MET B 345 -1.90 2.18 -10.62
N HIS B 346 -3.09 1.77 -10.18
CA HIS B 346 -3.32 1.59 -8.74
C HIS B 346 -2.45 0.51 -8.07
N ARG B 347 -1.83 -0.36 -8.89
CA ARG B 347 -0.95 -1.40 -8.34
C ARG B 347 0.54 -1.19 -8.65
N PHE B 348 0.86 -0.02 -9.19
CA PHE B 348 2.23 0.37 -9.52
C PHE B 348 3.14 0.40 -8.28
N ALA B 349 2.67 1.03 -7.21
CA ALA B 349 3.45 1.08 -5.98
C ALA B 349 3.71 -0.31 -5.39
N ALA B 350 2.68 -1.14 -5.34
CA ALA B 350 2.80 -2.49 -4.80
C ALA B 350 3.80 -3.30 -5.61
N TYR B 351 3.81 -3.10 -6.93
CA TYR B 351 4.74 -3.77 -7.81
C TYR B 351 6.18 -3.42 -7.45
N PHE B 352 6.45 -2.12 -7.29
CA PHE B 352 7.81 -1.70 -6.97
C PHE B 352 8.21 -1.89 -5.52
N GLN B 353 7.23 -2.21 -4.66
CA GLN B 353 7.56 -2.74 -3.34
C GLN B 353 8.39 -4.00 -3.46
N GLN B 354 8.01 -4.92 -4.35
CA GLN B 354 8.84 -6.10 -4.62
C GLN B 354 10.08 -5.72 -5.41
N GLY B 355 9.88 -5.01 -6.52
CA GLY B 355 10.98 -4.68 -7.41
C GLY B 355 12.14 -4.01 -6.70
N ASP B 356 11.82 -3.03 -5.87
CA ASP B 356 12.82 -2.25 -5.14
C ASP B 356 13.24 -2.98 -3.88
N MET B 357 12.28 -3.29 -3.01
CA MET B 357 12.63 -3.79 -1.67
C MET B 357 13.20 -5.21 -1.66
N GLU B 358 12.74 -6.08 -2.55
CA GLU B 358 13.32 -7.42 -2.60
C GLU B 358 14.70 -7.38 -3.25
N SER B 359 14.92 -6.39 -4.13
CA SER B 359 16.23 -6.21 -4.76
C SER B 359 17.25 -5.65 -3.77
N ASN B 360 16.89 -4.54 -3.12
CA ASN B 360 17.90 -3.76 -2.41
C ASN B 360 17.74 -3.75 -0.88
N GLY B 361 16.82 -4.57 -0.39
CA GLY B 361 16.69 -4.80 1.04
C GLY B 361 17.75 -5.81 1.47
N LYS B 362 19.01 -5.36 1.47
CA LYS B 362 20.19 -6.20 1.63
C LYS B 362 21.16 -5.57 2.62
N TYR B 363 22.08 -6.37 3.16
CA TYR B 363 23.03 -5.84 4.14
C TYR B 363 24.46 -6.38 4.00
N ILE B 364 24.68 -7.27 3.04
CA ILE B 364 25.99 -7.85 2.76
C ILE B 364 26.53 -7.40 1.41
N THR B 365 27.75 -6.90 1.40
CA THR B 365 28.38 -6.42 0.17
C THR B 365 29.06 -7.56 -0.60
N LYS B 366 29.47 -7.26 -1.83
CA LYS B 366 30.18 -8.20 -2.70
C LYS B 366 31.38 -8.87 -2.02
N SER B 367 32.09 -8.12 -1.16
CA SER B 367 33.25 -8.63 -0.44
C SER B 367 32.86 -9.59 0.68
N GLY B 368 31.60 -9.51 1.12
CA GLY B 368 31.13 -10.30 2.25
C GLY B 368 31.06 -9.47 3.51
N ALA B 369 31.60 -8.26 3.46
CA ALA B 369 31.52 -7.35 4.60
C ALA B 369 30.09 -6.85 4.77
N ARG B 370 29.69 -6.67 6.02
CA ARG B 370 28.41 -6.02 6.32
C ARG B 370 28.48 -4.56 5.88
N VAL B 371 27.34 -4.03 5.41
CA VAL B 371 27.23 -2.60 5.15
C VAL B 371 27.29 -1.85 6.49
N ASP B 372 27.79 -0.62 6.46
CA ASP B 372 27.75 0.24 7.63
C ASP B 372 27.03 1.54 7.24
N HIS B 373 26.03 1.36 6.39
CA HIS B 373 25.25 2.45 5.82
C HIS B 373 23.90 1.86 5.42
N GLN B 374 22.94 2.74 5.15
CA GLN B 374 21.62 2.31 4.71
C GLN B 374 21.63 1.76 3.29
N THR B 375 20.76 0.79 3.02
CA THR B 375 20.49 0.35 1.65
C THR B 375 19.05 0.71 1.27
N GLY B 376 18.36 -0.20 0.57
CA GLY B 376 17.05 0.10 -0.01
C GLY B 376 16.00 0.69 0.94
N PRO B 377 15.19 1.61 0.41
CA PRO B 377 14.14 2.25 1.20
C PRO B 377 12.86 1.44 1.23
N ILE B 378 11.96 1.81 2.13
CA ILE B 378 10.63 1.22 2.16
C ILE B 378 9.77 1.98 1.13
N VAL B 379 9.26 1.26 0.14
CA VAL B 379 8.44 1.85 -0.93
C VAL B 379 6.98 1.74 -0.58
N TRP B 380 6.23 2.80 -0.86
CA TRP B 380 4.81 2.82 -0.55
C TRP B 380 4.10 3.90 -1.35
N GLY B 381 2.76 3.88 -1.30
CA GLY B 381 1.97 4.92 -1.94
C GLY B 381 0.59 4.44 -2.38
N GLU B 382 -0.29 5.40 -2.63
CA GLU B 382 -1.59 5.15 -3.24
C GLU B 382 -1.78 6.23 -4.32
N PRO B 383 -2.65 5.96 -5.30
CA PRO B 383 -2.90 6.94 -6.38
C PRO B 383 -3.46 8.27 -5.87
N GLY B 384 -3.05 9.37 -6.50
CA GLY B 384 -3.70 10.66 -6.31
C GLY B 384 -4.97 10.69 -7.16
N THR B 385 -5.99 11.46 -6.75
CA THR B 385 -5.89 12.42 -5.64
C THR B 385 -6.21 11.85 -4.27
N ASN B 386 -6.57 10.57 -4.19
CA ASN B 386 -7.01 9.98 -2.92
C ASN B 386 -6.08 10.22 -1.75
N GLY B 387 -4.77 10.04 -1.95
CA GLY B 387 -3.79 10.28 -0.90
C GLY B 387 -3.87 11.65 -0.24
N GLN B 388 -4.27 12.67 -1.01
CA GLN B 388 -4.38 14.04 -0.49
C GLN B 388 -5.34 14.11 0.68
N HIS B 389 -6.28 13.18 0.69
CA HIS B 389 -7.30 13.12 1.74
C HIS B 389 -6.92 12.13 2.85
N ALA B 390 -5.97 11.24 2.56
CA ALA B 390 -5.60 10.12 3.45
C ALA B 390 -4.33 10.35 4.29
N PHE B 391 -3.17 10.44 3.64
CA PHE B 391 -1.88 10.52 4.33
C PHE B 391 -1.03 11.74 3.96
N TYR B 392 -1.48 12.56 3.02
CA TYR B 392 -0.69 13.74 2.67
C TYR B 392 -0.63 14.71 3.85
N GLN B 393 -1.55 14.59 4.80
CA GLN B 393 -1.46 15.35 6.05
C GLN B 393 -0.08 15.19 6.67
N LEU B 394 0.39 13.95 6.77
CA LEU B 394 1.70 13.67 7.35
C LEU B 394 2.85 14.15 6.44
N ILE B 395 2.70 14.00 5.13
CA ILE B 395 3.73 14.50 4.22
C ILE B 395 3.90 16.03 4.38
N HIS B 396 2.78 16.75 4.48
CA HIS B 396 2.81 18.22 4.58
C HIS B 396 3.22 18.73 5.96
N GLN B 397 2.75 18.06 7.02
CA GLN B 397 2.84 18.63 8.37
C GLN B 397 3.29 17.65 9.46
N GLY B 398 3.87 16.53 9.06
CA GLY B 398 4.43 15.56 9.98
C GLY B 398 5.90 15.83 10.26
N THR B 399 6.59 14.83 10.79
CA THR B 399 7.99 14.99 11.20
C THR B 399 8.95 14.10 10.40
N LYS B 400 8.48 13.61 9.25
CA LYS B 400 9.26 12.72 8.39
C LYS B 400 9.63 13.44 7.10
N MET B 401 10.85 13.24 6.63
CA MET B 401 11.22 13.61 5.27
C MET B 401 10.94 12.44 4.34
N ILE B 402 10.12 12.68 3.32
CA ILE B 402 9.61 11.63 2.46
C ILE B 402 9.74 12.02 0.99
N PRO B 403 10.81 11.55 0.33
CA PRO B 403 10.94 11.77 -1.12
C PRO B 403 9.72 11.12 -1.82
N CYS B 404 9.06 11.87 -2.70
CA CYS B 404 7.87 11.40 -3.42
C CYS B 404 8.08 11.54 -4.92
N ASP B 405 7.71 10.49 -5.67
CA ASP B 405 7.62 10.58 -7.12
C ASP B 405 6.14 10.71 -7.47
N PHE B 406 5.79 11.85 -8.05
CA PHE B 406 4.45 12.08 -8.60
C PHE B 406 4.47 11.73 -10.09
N LEU B 407 3.53 10.90 -10.52
CA LEU B 407 3.46 10.44 -11.92
C LEU B 407 2.09 10.67 -12.52
N ILE B 408 2.04 11.10 -13.79
CA ILE B 408 0.75 11.31 -14.47
C ILE B 408 0.90 11.28 -15.98
N PRO B 409 -0.09 10.72 -16.69
CA PRO B 409 -0.21 10.91 -18.14
C PRO B 409 -0.92 12.21 -18.50
N VAL B 410 -0.39 12.89 -19.51
CA VAL B 410 -1.01 14.11 -19.99
C VAL B 410 -2.41 13.83 -20.53
N GLN B 411 -2.52 12.77 -21.33
CA GLN B 411 -3.77 12.35 -21.93
C GLN B 411 -4.42 11.22 -21.15
N THR B 412 -5.70 11.37 -20.85
CA THR B 412 -6.43 10.33 -20.16
C THR B 412 -7.08 9.36 -21.14
N GLN B 413 -7.27 8.12 -20.68
CA GLN B 413 -7.96 7.10 -21.45
C GLN B 413 -9.47 7.36 -21.48
N HIS B 414 -9.92 8.23 -20.58
CA HIS B 414 -11.35 8.53 -20.42
C HIS B 414 -11.61 10.02 -20.29
N PRO B 415 -11.52 10.77 -21.40
CA PRO B 415 -11.70 12.22 -21.35
C PRO B 415 -13.16 12.65 -21.21
N ILE B 416 -13.84 12.09 -20.21
CA ILE B 416 -15.25 12.39 -19.96
C ILE B 416 -15.50 13.87 -19.67
N ARG B 417 -16.72 14.32 -19.94
CA ARG B 417 -17.13 15.70 -19.70
C ARG B 417 -16.15 16.72 -20.26
N LYS B 418 -15.78 16.49 -21.53
CA LYS B 418 -14.88 17.36 -22.29
C LYS B 418 -13.55 17.62 -21.59
N GLY B 419 -13.09 16.61 -20.85
CA GLY B 419 -11.81 16.68 -20.17
C GLY B 419 -11.82 17.29 -18.79
N LEU B 420 -13.02 17.51 -18.24
CA LEU B 420 -13.14 18.17 -16.93
C LEU B 420 -12.43 17.43 -15.80
N HIS B 421 -12.66 16.13 -15.73
CA HIS B 421 -12.06 15.33 -14.66
C HIS B 421 -10.55 15.37 -14.74
N HIS B 422 -10.02 15.23 -15.95
CA HIS B 422 -8.56 15.20 -16.13
C HIS B 422 -7.92 16.56 -15.88
N LYS B 423 -8.63 17.63 -16.21
CA LYS B 423 -8.20 18.98 -15.88
C LYS B 423 -8.00 19.13 -14.36
N ILE B 424 -9.00 18.69 -13.60
CA ILE B 424 -8.92 18.75 -12.13
C ILE B 424 -7.78 17.85 -11.61
N LEU B 425 -7.67 16.65 -12.18
CA LEU B 425 -6.61 15.71 -11.82
C LEU B 425 -5.23 16.33 -12.04
N LEU B 426 -5.01 16.90 -13.22
CA LEU B 426 -3.75 17.57 -13.55
C LEU B 426 -3.46 18.73 -12.62
N ALA B 427 -4.48 19.55 -12.33
CA ALA B 427 -4.31 20.71 -11.47
C ALA B 427 -3.87 20.30 -10.07
N ASN B 428 -4.46 19.22 -9.53
CA ASN B 428 -4.07 18.68 -8.23
C ASN B 428 -2.64 18.15 -8.24
N PHE B 429 -2.29 17.41 -9.31
CA PHE B 429 -0.95 16.85 -9.49
C PHE B 429 0.10 17.97 -9.38
N LEU B 430 -0.16 19.08 -10.08
CA LEU B 430 0.77 20.20 -10.12
C LEU B 430 0.79 20.97 -8.80
N ALA B 431 -0.39 21.25 -8.26
CA ALA B 431 -0.51 22.06 -7.04
C ALA B 431 0.11 21.37 -5.82
N GLN B 432 0.03 20.04 -5.79
CA GLN B 432 0.56 19.32 -4.63
C GLN B 432 2.08 19.43 -4.50
N THR B 433 2.82 19.22 -5.59
CA THR B 433 4.28 19.37 -5.52
C THR B 433 4.67 20.82 -5.29
N GLU B 434 3.90 21.73 -5.90
CA GLU B 434 4.12 23.16 -5.68
C GLU B 434 3.96 23.50 -4.19
N ALA B 435 2.90 22.98 -3.57
CA ALA B 435 2.63 23.22 -2.16
C ALA B 435 3.67 22.56 -1.25
N LEU B 436 4.06 21.34 -1.60
CA LEU B 436 5.09 20.65 -0.84
C LEU B 436 6.39 21.44 -0.84
N MET B 437 6.71 22.07 -1.97
CA MET B 437 7.90 22.91 -2.06
C MET B 437 7.76 24.23 -1.31
N LYS B 438 6.66 24.95 -1.59
CA LYS B 438 6.50 26.32 -1.11
C LYS B 438 6.06 26.42 0.33
N GLY B 439 5.16 25.53 0.73
CA GLY B 439 4.51 25.66 2.04
C GLY B 439 3.65 26.91 2.06
N LYS B 440 3.37 27.39 3.27
CA LYS B 440 2.58 28.60 3.47
C LYS B 440 3.19 29.38 4.63
N LEU B 441 3.53 30.63 4.36
CA LEU B 441 4.25 31.44 5.34
C LEU B 441 3.30 31.99 6.41
N PRO B 442 3.82 32.28 7.61
CA PRO B 442 3.01 32.93 8.65
C PRO B 442 2.25 34.15 8.12
N GLU B 443 2.90 35.01 7.34
CA GLU B 443 2.25 36.21 6.81
C GLU B 443 1.04 35.87 5.94
N GLU B 444 1.14 34.75 5.22
CA GLU B 444 0.06 34.30 4.35
C GLU B 444 -1.11 33.74 5.18
N ALA B 445 -0.81 32.85 6.11
CA ALA B 445 -1.83 32.26 6.98
C ALA B 445 -2.50 33.30 7.88
N ARG B 446 -1.72 34.27 8.32
CA ARG B 446 -2.21 35.35 9.20
C ARG B 446 -3.34 36.13 8.52
N LYS B 447 -3.09 36.54 7.27
CA LYS B 447 -4.07 37.30 6.51
C LYS B 447 -5.34 36.50 6.26
N GLU B 448 -5.18 35.19 6.02
CA GLU B 448 -6.33 34.31 5.81
C GLU B 448 -7.18 34.20 7.08
N LEU B 449 -6.52 34.11 8.23
CA LEU B 449 -7.23 34.02 9.51
C LEU B 449 -7.96 35.34 9.84
N GLN B 450 -7.34 36.46 9.51
CA GLN B 450 -7.92 37.79 9.72
C GLN B 450 -9.16 37.99 8.85
N ALA B 451 -9.05 37.60 7.58
CA ALA B 451 -10.17 37.66 6.63
C ALA B 451 -11.34 36.74 7.02
N ALA B 452 -11.02 35.63 7.67
CA ALA B 452 -12.05 34.67 8.12
C ALA B 452 -12.81 35.14 9.37
N GLY B 453 -12.42 36.27 9.92
CA GLY B 453 -13.09 36.87 11.06
C GLY B 453 -12.71 36.27 12.41
N LYS B 454 -11.52 35.68 12.49
CA LYS B 454 -11.01 35.16 13.75
C LYS B 454 -10.62 36.28 14.69
N SER B 455 -10.98 36.14 15.96
CA SER B 455 -10.57 37.09 17.00
C SER B 455 -9.05 37.07 17.15
N PRO B 456 -8.46 38.17 17.63
CA PRO B 456 -7.02 38.22 17.90
C PRO B 456 -6.51 37.02 18.72
N GLU B 457 -7.31 36.58 19.70
CA GLU B 457 -6.97 35.45 20.55
C GLU B 457 -6.98 34.14 19.77
N ASP B 458 -8.02 33.94 18.95
CA ASP B 458 -8.15 32.73 18.14
C ASP B 458 -7.09 32.68 17.05
N LEU B 459 -6.82 33.83 16.44
CA LEU B 459 -5.83 33.93 15.38
C LEU B 459 -4.46 33.51 15.89
N GLU B 460 -4.08 34.06 17.05
CA GLU B 460 -2.81 33.77 17.69
C GLU B 460 -2.65 32.27 17.95
N LYS B 461 -3.73 31.65 18.45
CA LYS B 461 -3.74 30.23 18.79
C LYS B 461 -3.67 29.35 17.53
N LEU B 462 -4.45 29.70 16.51
CA LEU B 462 -4.54 28.91 15.29
C LEU B 462 -3.32 29.05 14.38
N LEU B 463 -2.67 30.21 14.41
CA LEU B 463 -1.64 30.52 13.41
C LEU B 463 -0.60 29.41 13.13
N PRO B 464 0.13 28.92 14.14
CA PRO B 464 1.16 27.90 13.88
C PRO B 464 0.59 26.63 13.25
N HIS B 465 -0.66 26.31 13.53
CA HIS B 465 -1.30 25.12 12.98
C HIS B 465 -1.57 25.25 11.48
N LYS B 466 -1.65 26.49 11.00
CA LYS B 466 -2.02 26.77 9.61
C LYS B 466 -0.80 27.01 8.70
N VAL B 467 0.38 27.03 9.32
CA VAL B 467 1.63 27.26 8.61
C VAL B 467 2.15 25.94 8.09
N PHE B 468 2.66 25.97 6.85
CA PHE B 468 3.28 24.80 6.23
C PHE B 468 4.76 25.17 6.01
N GLU B 469 5.66 24.36 6.56
CA GLU B 469 7.10 24.61 6.46
C GLU B 469 7.59 24.49 5.01
N GLY B 470 6.93 23.64 4.22
CA GLY B 470 7.36 23.39 2.86
C GLY B 470 8.71 22.72 2.81
N ASN B 471 9.47 23.01 1.75
CA ASN B 471 10.80 22.43 1.55
C ASN B 471 10.78 20.90 1.47
N ARG B 472 9.64 20.37 1.01
CA ARG B 472 9.48 18.93 0.83
C ARG B 472 9.72 18.57 -0.63
N PRO B 473 10.78 17.83 -0.91
CA PRO B 473 11.19 17.57 -2.29
C PRO B 473 10.42 16.48 -2.99
N THR B 474 10.20 16.68 -4.30
CA THR B 474 9.48 15.71 -5.12
C THR B 474 10.13 15.60 -6.49
N ASN B 475 9.89 14.47 -7.14
CA ASN B 475 10.06 14.33 -8.58
C ASN B 475 8.68 14.38 -9.22
N SER B 476 8.58 14.98 -10.39
CA SER B 476 7.37 14.91 -11.19
C SER B 476 7.72 14.21 -12.48
N ILE B 477 7.06 13.08 -12.73
CA ILE B 477 7.26 12.29 -13.95
C ILE B 477 5.97 12.34 -14.77
N VAL B 478 6.06 13.01 -15.91
CA VAL B 478 4.89 13.29 -16.74
C VAL B 478 5.13 12.71 -18.14
N PHE B 479 4.12 12.06 -18.68
CA PHE B 479 4.28 11.35 -19.95
C PHE B 479 3.04 11.53 -20.82
N THR B 480 3.24 11.48 -22.14
CA THR B 480 2.16 11.82 -23.07
C THR B 480 0.85 11.07 -22.79
N LYS B 481 0.95 9.75 -22.65
CA LYS B 481 -0.20 8.88 -22.44
C LYS B 481 0.32 7.58 -21.87
N LEU B 482 -0.47 6.93 -21.03
CA LEU B 482 -0.06 5.61 -20.54
C LEU B 482 -0.47 4.52 -21.52
N THR B 483 0.34 4.36 -22.56
CA THR B 483 0.18 3.32 -23.57
C THR B 483 1.02 2.12 -23.12
N PRO B 484 0.86 0.95 -23.75
CA PRO B 484 1.74 -0.18 -23.46
C PRO B 484 3.23 0.19 -23.58
N PHE B 485 3.60 0.90 -24.65
CA PHE B 485 4.98 1.31 -24.87
C PHE B 485 5.48 2.20 -23.73
N ILE B 486 4.72 3.25 -23.42
CA ILE B 486 5.15 4.17 -22.38
C ILE B 486 5.22 3.50 -21.01
N LEU B 487 4.25 2.64 -20.70
CA LEU B 487 4.30 1.87 -19.45
C LEU B 487 5.55 1.00 -19.38
N GLY B 488 5.89 0.34 -20.49
CA GLY B 488 7.09 -0.45 -20.57
C GLY B 488 8.34 0.37 -20.27
N ALA B 489 8.42 1.56 -20.84
CA ALA B 489 9.57 2.45 -20.60
C ALA B 489 9.65 2.87 -19.13
N LEU B 490 8.51 3.17 -18.52
CA LEU B 490 8.49 3.60 -17.12
C LEU B 490 8.92 2.49 -16.17
N ILE B 491 8.43 1.28 -16.39
CA ILE B 491 8.82 0.15 -15.53
C ILE B 491 10.33 -0.07 -15.65
N ALA B 492 10.83 -0.08 -16.89
CA ALA B 492 12.26 -0.28 -17.15
C ALA B 492 13.11 0.80 -16.49
N MET B 493 12.60 2.04 -16.49
CA MET B 493 13.31 3.15 -15.87
C MET B 493 13.55 2.89 -14.39
N TYR B 494 12.51 2.44 -13.69
CA TYR B 494 12.66 2.11 -12.27
C TYR B 494 13.52 0.86 -12.07
N GLU B 495 13.41 -0.12 -12.97
CA GLU B 495 14.31 -1.28 -12.89
C GLU B 495 15.77 -0.81 -12.88
N HIS B 496 16.14 0.09 -13.78
CA HIS B 496 17.52 0.55 -13.87
C HIS B 496 17.93 1.49 -12.75
N LYS B 497 16.97 2.26 -12.23
CA LYS B 497 17.19 3.01 -11.00
C LYS B 497 17.63 2.08 -9.87
N ILE B 498 16.89 0.99 -9.70
CA ILE B 498 17.15 0.03 -8.64
C ILE B 498 18.53 -0.59 -8.82
N PHE B 499 18.87 -0.91 -10.06
CA PHE B 499 20.18 -1.48 -10.41
C PHE B 499 21.32 -0.55 -10.01
N VAL B 500 21.20 0.73 -10.40
CA VAL B 500 22.24 1.72 -10.11
C VAL B 500 22.46 1.86 -8.60
N GLN B 501 21.38 1.99 -7.85
CA GLN B 501 21.49 2.07 -6.39
C GLN B 501 22.19 0.85 -5.79
N GLY B 502 21.80 -0.35 -6.25
CA GLY B 502 22.41 -1.59 -5.79
C GLY B 502 23.91 -1.63 -6.04
N ILE B 503 24.35 -1.24 -7.23
CA ILE B 503 25.78 -1.18 -7.56
C ILE B 503 26.51 -0.21 -6.62
N MET B 504 25.91 0.95 -6.38
CA MET B 504 26.52 1.96 -5.54
C MET B 504 26.66 1.49 -4.09
N TRP B 505 25.70 0.70 -3.63
CA TRP B 505 25.74 0.14 -2.27
C TRP B 505 26.64 -1.09 -2.18
N ASP B 506 27.08 -1.60 -3.35
CA ASP B 506 27.91 -2.81 -3.43
C ASP B 506 27.16 -4.06 -2.97
N ILE B 507 25.84 -4.08 -3.16
CA ILE B 507 25.03 -5.23 -2.80
C ILE B 507 24.58 -5.98 -4.06
N ASN B 508 24.00 -7.16 -3.86
CA ASN B 508 23.45 -7.95 -4.96
C ASN B 508 21.95 -7.69 -5.10
N SER B 509 21.58 -6.93 -6.13
CA SER B 509 20.18 -6.56 -6.35
C SER B 509 19.36 -7.75 -6.80
N PHE B 510 20.00 -8.89 -7.06
CA PHE B 510 19.36 -9.92 -7.87
C PHE B 510 19.17 -11.30 -7.22
N ASP B 511 19.61 -11.42 -5.97
CA ASP B 511 19.31 -12.59 -5.17
C ASP B 511 18.22 -12.25 -4.12
N GLN B 512 17.80 -13.25 -3.34
CA GLN B 512 16.79 -13.04 -2.30
C GLN B 512 16.90 -14.11 -1.22
N TRP B 513 18.05 -14.14 -0.54
CA TRP B 513 18.33 -15.15 0.48
C TRP B 513 17.48 -14.97 1.73
N GLY B 514 16.87 -13.79 1.86
CA GLY B 514 16.12 -13.42 3.05
C GLY B 514 14.77 -14.09 3.19
N VAL B 515 14.35 -14.82 2.17
CA VAL B 515 13.08 -15.54 2.23
C VAL B 515 13.21 -16.95 2.83
N GLU B 516 14.46 -17.43 2.95
CA GLU B 516 14.71 -18.83 3.34
C GLU B 516 14.28 -19.19 4.77
N LEU B 517 14.61 -18.35 5.74
CA LEU B 517 14.32 -18.68 7.15
C LEU B 517 12.82 -18.85 7.44
N GLY B 518 12.00 -17.94 6.94
CA GLY B 518 10.56 -18.02 7.12
C GLY B 518 9.97 -19.27 6.51
N LYS B 519 10.51 -19.68 5.37
CA LYS B 519 10.07 -20.89 4.67
C LYS B 519 10.40 -22.13 5.49
N GLN B 520 11.63 -22.18 6.01
CA GLN B 520 12.09 -23.28 6.86
C GLN B 520 11.21 -23.48 8.07
N LEU B 521 10.92 -22.39 8.78
CA LEU B 521 10.16 -22.47 10.02
C LEU B 521 8.69 -22.81 9.79
N ALA B 522 8.17 -22.43 8.62
CA ALA B 522 6.78 -22.72 8.27
C ALA B 522 6.57 -24.21 8.00
N LYS B 523 7.53 -24.82 7.32
CA LYS B 523 7.48 -26.25 7.04
C LYS B 523 7.49 -27.08 8.33
N LYS B 524 8.18 -26.58 9.35
CA LYS B 524 8.21 -27.24 10.66
C LYS B 524 6.87 -27.10 11.40
N ILE B 525 6.24 -25.95 11.28
CA ILE B 525 5.01 -25.66 12.03
C ILE B 525 3.78 -26.33 11.43
N GLU B 526 3.76 -26.44 10.09
CA GLU B 526 2.60 -26.97 9.36
C GLU B 526 2.01 -28.27 9.94
N PRO B 527 2.80 -29.34 10.07
CA PRO B 527 2.27 -30.61 10.61
C PRO B 527 1.88 -30.52 12.08
N GLU B 528 2.45 -29.58 12.82
CA GLU B 528 2.19 -29.45 14.25
C GLU B 528 0.79 -28.91 14.56
N LEU B 529 0.18 -28.24 13.58
CA LEU B 529 -1.15 -27.66 13.76
C LEU B 529 -2.25 -28.73 13.78
N GLU B 530 -2.00 -29.85 13.12
CA GLU B 530 -2.91 -31.00 13.11
C GLU B 530 -3.10 -31.60 14.50
N GLY B 531 -4.35 -31.97 14.82
CA GLY B 531 -4.66 -32.63 16.07
C GLY B 531 -4.66 -31.71 17.28
N SER B 532 -5.05 -32.27 18.43
CA SER B 532 -5.27 -31.47 19.64
C SER B 532 -4.07 -31.42 20.60
N SER B 533 -3.00 -32.15 20.26
CA SER B 533 -1.84 -32.24 21.15
C SER B 533 -1.11 -30.90 21.28
N ALA B 534 -0.70 -30.59 22.51
CA ALA B 534 0.04 -29.37 22.80
C ALA B 534 1.35 -29.29 22.03
N VAL B 535 1.68 -28.09 21.56
CA VAL B 535 2.95 -27.85 20.88
C VAL B 535 3.86 -27.07 21.81
N THR B 536 5.03 -27.64 22.10
CA THR B 536 5.97 -27.09 23.07
C THR B 536 7.36 -26.89 22.46
N SER B 537 7.47 -27.11 21.15
CA SER B 537 8.76 -27.18 20.45
C SER B 537 9.37 -25.83 20.08
N HIS B 538 8.64 -24.74 20.34
CA HIS B 538 9.14 -23.41 19.99
C HIS B 538 9.30 -22.53 21.22
N ASP B 539 9.61 -21.26 20.99
CA ASP B 539 9.57 -20.25 22.04
C ASP B 539 8.14 -20.14 22.57
N SER B 540 7.97 -19.56 23.76
CA SER B 540 6.66 -19.51 24.40
C SER B 540 5.61 -18.70 23.63
N SER B 541 6.03 -17.70 22.85
CA SER B 541 5.09 -16.93 22.02
C SER B 541 4.50 -17.80 20.91
N THR B 542 5.38 -18.39 20.10
CA THR B 542 4.95 -19.32 19.05
C THR B 542 4.07 -20.44 19.63
N ASN B 543 4.50 -21.03 20.75
CA ASN B 543 3.69 -22.05 21.41
C ASN B 543 2.33 -21.54 21.86
N GLY B 544 2.32 -20.33 22.44
CA GLY B 544 1.12 -19.72 22.99
C GLY B 544 0.11 -19.39 21.91
N LEU B 545 0.61 -18.93 20.76
CA LEU B 545 -0.24 -18.62 19.60
C LEU B 545 -0.85 -19.90 19.03
N ILE B 546 -0.03 -20.95 18.90
CA ILE B 546 -0.52 -22.27 18.48
C ILE B 546 -1.59 -22.78 19.43
N SER B 547 -1.34 -22.66 20.74
CA SER B 547 -2.34 -23.06 21.74
C SER B 547 -3.67 -22.33 21.56
N PHE B 548 -3.59 -21.02 21.35
CA PHE B 548 -4.78 -20.20 21.09
C PHE B 548 -5.53 -20.70 19.87
N ILE B 549 -4.80 -20.99 18.80
CA ILE B 549 -5.36 -21.49 17.54
C ILE B 549 -6.11 -22.81 17.79
N LYS B 550 -5.46 -23.73 18.49
CA LYS B 550 -6.07 -25.03 18.77
C LYS B 550 -7.30 -24.87 19.64
N GLN B 551 -7.24 -23.97 20.62
CA GLN B 551 -8.35 -23.75 21.51
C GLN B 551 -9.55 -23.07 20.84
N GLN B 552 -9.28 -22.16 19.89
CA GLN B 552 -10.33 -21.32 19.33
C GLN B 552 -10.96 -21.83 18.04
N ARG B 553 -10.33 -22.83 17.40
CA ARG B 553 -10.74 -23.26 16.06
C ARG B 553 -12.07 -24.04 15.97
N ASP B 554 -12.57 -24.52 17.10
CA ASP B 554 -13.83 -25.26 17.13
C ASP B 554 -14.99 -24.46 17.73
N THR B 555 -14.69 -23.26 18.21
CA THR B 555 -15.69 -22.39 18.85
C THR B 555 -16.76 -21.92 17.88
N LYS B 556 -18.02 -22.08 18.28
CA LYS B 556 -19.15 -21.65 17.47
C LYS B 556 -19.55 -20.22 17.82
N LEU B 557 -19.49 -19.33 16.82
CA LEU B 557 -19.88 -17.93 16.99
C LEU B 557 -21.19 -17.62 16.28
C1 A5P C . -10.67 13.92 6.56
O1 A5P C . -10.81 12.75 7.39
C2 A5P C . -10.71 13.68 5.04
O2 A5P C . -10.15 12.42 4.66
C3 A5P C . -12.11 13.78 4.44
O3 A5P C . -12.81 12.58 4.70
C4 A5P C . -12.05 13.99 2.92
O4 A5P C . -11.30 15.14 2.61
C5 A5P C . -13.44 14.13 2.30
O5 A5P C . -14.17 15.17 2.94
P A5P C . -15.78 15.23 2.84
O1P A5P C . -16.10 15.19 1.36
O2P A5P C . -16.26 14.00 3.55
O3P A5P C . -16.13 16.51 3.54
C1 GOL D . -39.73 3.40 -3.57
O1 GOL D . -40.17 2.21 -4.18
C2 GOL D . -38.78 4.16 -4.50
O2 GOL D . -39.26 4.23 -5.83
C3 GOL D . -38.54 5.57 -3.96
O3 GOL D . -39.77 6.24 -3.75
C1 GOL E . -8.47 18.90 -20.26
O1 GOL E . -8.49 17.56 -19.82
C2 GOL E . -7.10 19.21 -20.86
O2 GOL E . -7.18 20.23 -21.83
C3 GOL E . -6.15 19.63 -19.76
O3 GOL E . -4.84 19.54 -20.25
C1 GOL F . -7.10 -26.31 9.46
O1 GOL F . -7.37 -25.13 8.73
C2 GOL F . -7.13 -25.98 10.96
O2 GOL F . -7.42 -27.16 11.68
C3 GOL F . -5.78 -25.44 11.38
O3 GOL F . -5.93 -24.83 12.64
C1 A5P G . 11.67 -13.83 -5.99
O1 A5P G . 11.50 -12.83 -7.00
C2 A5P G . 10.35 -14.30 -5.38
O2 A5P G . 9.63 -13.19 -4.83
C3 A5P G . 9.45 -15.07 -6.35
O3 A5P G . 8.97 -14.16 -7.34
C4 A5P G . 8.24 -15.73 -5.67
O4 A5P G . 8.58 -16.33 -4.43
C5 A5P G . 7.56 -16.79 -6.56
O5 A5P G . 8.45 -17.85 -6.92
P A5P G . 8.08 -18.85 -8.13
O1P A5P G . 6.83 -19.55 -7.67
O2P A5P G . 7.87 -17.97 -9.34
O3P A5P G . 9.28 -19.77 -8.24
C1 GOL H . -7.80 -27.24 -26.58
O1 GOL H . -9.09 -27.56 -27.01
C2 GOL H . -6.87 -28.32 -27.13
O2 GOL H . -6.81 -28.17 -28.52
C3 GOL H . -5.49 -28.14 -26.51
O3 GOL H . -4.63 -29.17 -26.96
#